data_7WT5
#
_entry.id   7WT5
#
_cell.length_a   86.239
_cell.length_b   46.46
_cell.length_c   141.65
_cell.angle_alpha   90.0
_cell.angle_beta   104.011
_cell.angle_gamma   90.0
#
_symmetry.space_group_name_H-M   'P 1 21 1'
#
loop_
_entity.id
_entity.type
_entity.pdbx_description
1 polymer 'MHC class I antigen'
2 polymer Beta-2-microglobulin
3 polymer '8-mer model peptide'
4 non-polymer 'ZINC ION'
5 non-polymer 2-AMINO-2-HYDROXYMETHYL-PROPANE-1,3-DIOL
6 non-polymer 1,2-ETHANEDIOL
7 water water
#
loop_
_entity_poly.entity_id
_entity_poly.type
_entity_poly.pdbx_seq_one_letter_code
_entity_poly.pdbx_strand_id
1 'polypeptide(L)'
;AGSHSMRYFYTSVSRPGRGEPRFIAVGYVDDTQFVRFDSDAASQRMEPRAPWIEQEGPEYWDEETGKVKAHSQTDRENLR
IALRYYNQSEAGSHTLQMMFGCDVGSDGRFLRGYHQYAYDGKDYIALKEDLRSWTAADMAAQITKRKWEAAHVAEQQRAY
LEGTCVDGLRRYLENGKETLQRTDPPKTHMTHHPISDHEATLRCWALGFYPAEITLTWQRDGEDQTQDTELVETRPAGDG
TFQKWAAVVVPSGEEQRYTCHVQHEGLPKPLTLRWEP
;
A,D
2 'polypeptide(L)'
;AIQRTPKIQVYSRHPAENGKSNFLNCYVSGFHPSDIEVDLLKNGERIEKVEHSDLSFSKDWSFYLLYYTEFTPTEKDEYA
CRVNHVTLSQPKIVKWDRDM
;
B,E
3 'polypeptide(L)' RAGFVANF C,F
#
# COMPACT_ATOMS: atom_id res chain seq x y z
N ALA A 1 10.42 4.11 19.48
CA ALA A 1 9.85 4.85 20.60
C ALA A 1 8.52 4.22 21.02
N GLY A 2 7.99 4.67 22.15
CA GLY A 2 6.75 4.13 22.69
C GLY A 2 5.52 4.38 21.83
N SER A 3 5.52 5.49 21.10
CA SER A 3 4.43 5.68 20.14
C SER A 3 4.97 6.42 18.92
N HIS A 4 4.24 6.34 17.81
CA HIS A 4 4.69 6.98 16.57
C HIS A 4 3.55 7.67 15.86
N SER A 5 3.88 8.61 14.98
CA SER A 5 2.87 9.33 14.24
C SER A 5 3.27 9.43 12.79
N MET A 6 2.27 9.39 11.92
CA MET A 6 2.45 9.82 10.55
C MET A 6 1.56 11.01 10.32
N ARG A 7 2.12 12.11 9.81
CA ARG A 7 1.35 13.33 9.59
C ARG A 7 1.66 14.01 8.28
N TYR A 8 0.61 14.45 7.59
CA TYR A 8 0.77 15.27 6.39
C TYR A 8 0.23 16.68 6.62
N PHE A 9 0.94 17.69 6.13
CA PHE A 9 0.62 19.09 6.32
C PHE A 9 0.50 19.77 4.95
N TYR A 10 -0.63 20.42 4.72
CA TYR A 10 -0.92 21.02 3.42
C TYR A 10 -1.18 22.48 3.62
N THR A 11 -0.55 23.30 2.79
CA THR A 11 -0.77 24.75 2.83
C THR A 11 -1.06 25.26 1.43
N SER A 12 -2.21 25.90 1.27
CA SER A 12 -2.54 26.64 0.05
C SER A 12 -2.68 28.13 0.38
N VAL A 13 -2.08 28.97 -0.46
CA VAL A 13 -2.10 30.42 -0.30
C VAL A 13 -2.52 31.06 -1.63
N SER A 14 -3.68 31.72 -1.70
CA SER A 14 -4.11 32.32 -2.97
C SER A 14 -3.21 33.51 -3.34
N ARG A 15 -3.05 33.73 -4.65
CA ARG A 15 -2.24 34.83 -5.15
C ARG A 15 -3.04 35.55 -6.22
N PRO A 16 -3.98 36.41 -5.77
CA PRO A 16 -4.83 37.15 -6.71
C PRO A 16 -4.00 37.94 -7.71
N GLY A 17 -4.32 37.82 -8.99
CA GLY A 17 -3.52 38.44 -10.04
C GLY A 17 -2.17 37.81 -10.35
N ARG A 18 -1.80 36.71 -9.69
CA ARG A 18 -0.53 36.04 -10.00
C ARG A 18 -0.70 34.54 -10.22
N GLY A 19 -1.82 34.12 -10.80
CA GLY A 19 -2.04 32.73 -11.11
C GLY A 19 -2.67 31.91 -9.99
N GLU A 20 -2.62 30.60 -10.12
CA GLU A 20 -3.20 29.66 -9.14
C GLU A 20 -2.54 29.78 -7.77
N PRO A 21 -3.23 29.37 -6.70
CA PRO A 21 -2.61 29.37 -5.37
C PRO A 21 -1.31 28.58 -5.27
N ARG A 22 -0.37 29.09 -4.48
CA ARG A 22 0.80 28.33 -4.05
C ARG A 22 0.35 27.16 -3.19
N PHE A 23 0.80 25.94 -3.53
CA PHE A 23 0.40 24.74 -2.79
C PHE A 23 1.63 23.95 -2.36
N ILE A 24 1.79 23.78 -1.05
CA ILE A 24 2.91 23.06 -0.46
C ILE A 24 2.40 21.93 0.41
N ALA A 25 2.89 20.70 0.16
CA ALA A 25 2.55 19.55 0.99
C ALA A 25 3.81 18.94 1.58
N VAL A 26 3.77 18.56 2.85
CA VAL A 26 4.92 17.85 3.47
C VAL A 26 4.37 16.70 4.32
N GLY A 27 5.08 15.58 4.30
CA GLY A 27 4.73 14.41 5.07
C GLY A 27 5.83 14.09 6.07
N TYR A 28 5.41 13.70 7.27
CA TYR A 28 6.30 13.43 8.38
C TYR A 28 6.02 12.06 9.03
N VAL A 29 7.07 11.40 9.48
CA VAL A 29 6.92 10.32 10.45
C VAL A 29 7.59 10.83 11.70
N ASP A 30 6.83 10.94 12.78
CA ASP A 30 7.31 11.61 13.98
C ASP A 30 7.89 12.96 13.57
N ASP A 31 9.14 13.25 13.95
CA ASP A 31 9.74 14.54 13.64
C ASP A 31 10.63 14.50 12.41
N THR A 32 10.44 13.50 11.56
CA THR A 32 11.30 13.34 10.39
C THR A 32 10.48 13.55 9.13
N GLN A 33 10.77 14.61 8.40
CA GLN A 33 10.12 14.82 7.12
C GLN A 33 10.57 13.79 6.07
N PHE A 34 9.65 13.25 5.28
CA PHE A 34 10.07 12.24 4.30
C PHE A 34 9.60 12.48 2.87
N VAL A 35 8.57 13.30 2.69
CA VAL A 35 8.18 13.74 1.34
C VAL A 35 7.81 15.21 1.30
N ARG A 36 7.80 15.75 0.09
CA ARG A 36 7.32 17.11 -0.13
C ARG A 36 6.71 17.21 -1.51
N PHE A 37 5.77 18.14 -1.65
CA PHE A 37 5.32 18.58 -2.96
C PHE A 37 5.24 20.09 -2.94
N ASP A 38 5.68 20.73 -4.02
CA ASP A 38 5.56 22.20 -4.09
C ASP A 38 5.11 22.61 -5.49
N SER A 39 3.93 23.23 -5.59
CA SER A 39 3.37 23.63 -6.88
C SER A 39 4.31 24.56 -7.69
N ASP A 40 5.19 25.30 -7.02
CA ASP A 40 6.17 26.16 -7.71
C ASP A 40 7.30 25.37 -8.35
N ALA A 41 7.55 24.14 -7.88
CA ALA A 41 8.71 23.39 -8.36
C ALA A 41 8.46 22.83 -9.75
N ALA A 42 9.54 22.67 -10.51
CA ALA A 42 9.43 22.28 -11.91
C ALA A 42 9.02 20.81 -12.10
N SER A 43 9.39 19.93 -11.16
CA SER A 43 9.13 18.50 -11.41
C SER A 43 7.64 18.19 -11.47
N GLN A 44 6.86 18.95 -10.69
CA GLN A 44 5.45 18.62 -10.49
C GLN A 44 5.27 17.17 -9.98
N ARG A 45 6.21 16.72 -9.15
CA ARG A 45 6.14 15.37 -8.56
C ARG A 45 6.21 15.46 -7.06
N MET A 46 5.62 14.48 -6.38
CA MET A 46 6.01 14.24 -4.99
C MET A 46 7.48 13.86 -4.99
N GLU A 47 8.26 14.43 -4.08
CA GLU A 47 9.72 14.26 -4.02
CA GLU A 47 9.71 14.22 -4.03
C GLU A 47 10.15 13.70 -2.66
N PRO A 48 11.21 12.87 -2.65
CA PRO A 48 11.68 12.29 -1.38
C PRO A 48 12.46 13.29 -0.52
N ARG A 49 12.33 13.16 0.81
CA ARG A 49 13.06 14.06 1.70
C ARG A 49 13.77 13.29 2.83
N ALA A 50 13.61 11.97 2.84
CA ALA A 50 14.36 11.10 3.75
C ALA A 50 14.89 9.91 2.94
N PRO A 51 16.10 9.40 3.29
CA PRO A 51 16.66 8.33 2.46
C PRO A 51 15.79 7.09 2.35
N TRP A 52 15.17 6.67 3.44
CA TRP A 52 14.45 5.41 3.44
C TRP A 52 13.19 5.42 2.56
N ILE A 53 12.66 6.60 2.23
CA ILE A 53 11.47 6.60 1.38
C ILE A 53 11.81 6.27 -0.08
N GLU A 54 13.09 6.32 -0.45
CA GLU A 54 13.47 6.03 -1.83
C GLU A 54 13.51 4.52 -2.11
N GLN A 55 13.21 3.73 -1.08
CA GLN A 55 13.00 2.29 -1.24
C GLN A 55 11.67 1.97 -1.91
N GLU A 56 10.72 2.91 -1.95
N GLU A 56 10.79 2.97 -1.97
CA GLU A 56 9.31 2.52 -2.21
CA GLU A 56 9.51 2.83 -2.66
C GLU A 56 8.98 1.92 -3.58
C GLU A 56 9.70 2.74 -4.16
N GLY A 57 9.51 2.50 -4.66
N GLY A 57 9.04 1.76 -4.76
CA GLY A 57 9.21 2.01 -6.01
CA GLY A 57 9.02 1.60 -6.19
C GLY A 57 8.42 3.01 -6.85
C GLY A 57 8.32 2.77 -6.86
N PRO A 58 8.38 2.81 -8.18
CA PRO A 58 7.84 3.85 -9.06
C PRO A 58 6.34 3.97 -9.03
N GLU A 59 5.64 2.86 -8.77
CA GLU A 59 4.20 2.91 -8.59
C GLU A 59 3.87 3.89 -7.48
N TYR A 60 4.61 3.82 -6.38
CA TYR A 60 4.41 4.69 -5.24
C TYR A 60 4.46 6.15 -5.69
N TRP A 61 5.55 6.54 -6.35
CA TRP A 61 5.77 7.94 -6.67
C TRP A 61 4.68 8.44 -7.64
N ASP A 62 4.28 7.60 -8.58
CA ASP A 62 3.19 7.94 -9.49
C ASP A 62 1.88 8.13 -8.71
N GLU A 63 1.56 7.19 -7.83
CA GLU A 63 0.31 7.24 -7.07
C GLU A 63 0.29 8.44 -6.11
N GLU A 64 1.37 8.62 -5.35
CA GLU A 64 1.41 9.73 -4.40
C GLU A 64 1.40 11.07 -5.13
N THR A 65 2.01 11.13 -6.31
CA THR A 65 1.95 12.35 -7.13
C THR A 65 0.52 12.61 -7.60
N GLY A 66 -0.18 11.57 -8.05
CA GLY A 66 -1.57 11.72 -8.47
C GLY A 66 -2.46 12.24 -7.35
N LYS A 67 -2.27 11.69 -6.16
CA LYS A 67 -3.09 12.09 -5.02
C LYS A 67 -2.83 13.52 -4.55
N VAL A 68 -1.55 13.92 -4.52
CA VAL A 68 -1.24 15.24 -3.99
C VAL A 68 -1.68 16.33 -4.98
N LYS A 69 -1.64 16.02 -6.27
CA LYS A 69 -2.12 16.94 -7.29
C LYS A 69 -3.65 17.06 -7.23
N ALA A 70 -4.33 15.93 -7.03
CA ALA A 70 -5.78 15.98 -6.84
C ALA A 70 -6.11 16.79 -5.58
N HIS A 71 -5.34 16.60 -4.51
CA HIS A 71 -5.52 17.38 -3.30
C HIS A 71 -5.34 18.87 -3.60
N SER A 72 -4.29 19.23 -4.34
CA SER A 72 -4.06 20.64 -4.63
C SER A 72 -5.28 21.25 -5.32
N GLN A 73 -5.84 20.54 -6.30
CA GLN A 73 -7.03 21.00 -7.01
CA GLN A 73 -7.02 21.02 -7.02
C GLN A 73 -8.22 21.22 -6.07
N THR A 74 -8.46 20.24 -5.20
CA THR A 74 -9.58 20.34 -4.27
C THR A 74 -9.44 21.53 -3.32
N ASP A 75 -8.24 21.77 -2.82
CA ASP A 75 -8.08 22.86 -1.87
C ASP A 75 -8.10 24.21 -2.59
N ARG A 76 -7.72 24.21 -3.87
CA ARG A 76 -7.90 25.38 -4.74
CA ARG A 76 -7.90 25.39 -4.71
C ARG A 76 -9.38 25.75 -4.80
N GLU A 77 -10.21 24.73 -5.08
CA GLU A 77 -11.66 24.90 -5.10
C GLU A 77 -12.18 25.34 -3.74
N ASN A 78 -11.60 24.74 -2.71
CA ASN A 78 -11.94 25.04 -1.35
C ASN A 78 -11.70 26.52 -0.98
N LEU A 79 -10.64 27.11 -1.49
CA LEU A 79 -10.38 28.51 -1.25
C LEU A 79 -11.51 29.35 -1.83
N ARG A 80 -11.95 29.02 -3.03
N ARG A 80 -11.97 29.00 -3.02
CA ARG A 80 -13.04 29.69 -3.71
CA ARG A 80 -13.07 29.70 -3.67
C ARG A 80 -14.38 29.58 -2.96
C ARG A 80 -14.37 29.60 -2.89
N ILE A 81 -14.77 28.38 -2.54
CA ILE A 81 -15.93 28.14 -1.76
C ILE A 81 -15.90 29.00 -0.52
N ALA A 82 -14.79 28.97 0.17
CA ALA A 82 -14.66 29.80 1.37
C ALA A 82 -14.90 31.29 1.10
N LEU A 83 -14.36 31.83 -0.01
CA LEU A 83 -14.59 33.24 -0.32
C LEU A 83 -16.08 33.53 -0.39
N ARG A 84 -16.81 32.66 -1.05
CA ARG A 84 -18.25 32.78 -1.13
C ARG A 84 -18.91 32.63 0.24
N TYR A 85 -18.54 31.60 1.02
CA TYR A 85 -19.18 31.40 2.33
C TYR A 85 -18.98 32.62 3.23
N TYR A 86 -17.81 33.26 3.13
CA TYR A 86 -17.50 34.36 4.02
C TYR A 86 -17.74 35.73 3.37
N ASN A 87 -18.27 35.73 2.15
CA ASN A 87 -18.48 36.97 1.40
C ASN A 87 -17.23 37.87 1.36
N GLN A 88 -16.08 37.30 0.99
CA GLN A 88 -14.83 38.04 0.92
C GLN A 88 -14.52 38.36 -0.54
N SER A 89 -13.71 39.38 -0.80
CA SER A 89 -13.40 39.75 -2.19
C SER A 89 -12.39 38.82 -2.84
N GLU A 90 -12.34 38.84 -4.16
CA GLU A 90 -11.30 38.11 -4.90
C GLU A 90 -9.97 38.83 -4.86
N ALA A 91 -9.93 40.02 -4.27
CA ALA A 91 -8.69 40.80 -4.28
C ALA A 91 -7.70 40.39 -3.19
N GLY A 92 -8.19 39.88 -2.05
CA GLY A 92 -7.32 39.52 -0.94
C GLY A 92 -6.68 38.15 -1.09
N SER A 93 -5.52 37.97 -0.45
CA SER A 93 -4.87 36.68 -0.36
C SER A 93 -5.37 35.93 0.87
N HIS A 94 -5.58 34.63 0.73
CA HIS A 94 -6.07 33.82 1.85
C HIS A 94 -5.31 32.49 1.99
N THR A 95 -5.39 31.90 3.17
CA THR A 95 -4.67 30.67 3.45
C THR A 95 -5.61 29.54 3.84
N LEU A 96 -5.45 28.40 3.19
CA LEU A 96 -6.15 27.21 3.61
C LEU A 96 -5.15 26.14 4.03
N GLN A 97 -5.21 25.71 5.28
CA GLN A 97 -4.31 24.66 5.78
C GLN A 97 -5.11 23.41 6.11
N MET A 98 -4.48 22.27 5.86
CA MET A 98 -5.09 20.98 6.14
C MET A 98 -4.04 20.07 6.76
N MET A 99 -4.43 19.34 7.81
CA MET A 99 -3.57 18.32 8.38
C MET A 99 -4.35 17.04 8.60
N PHE A 100 -3.71 15.90 8.36
CA PHE A 100 -4.27 14.62 8.82
C PHE A 100 -3.15 13.70 9.27
N GLY A 101 -3.53 12.65 10.01
CA GLY A 101 -2.54 11.67 10.40
C GLY A 101 -3.05 10.68 11.42
N CYS A 102 -2.19 9.72 11.74
CA CYS A 102 -2.52 8.71 12.73
C CYS A 102 -1.37 8.56 13.74
N ASP A 103 -1.74 8.25 14.97
CA ASP A 103 -0.79 7.85 16.00
C ASP A 103 -0.98 6.35 16.23
N VAL A 104 0.12 5.60 16.34
CA VAL A 104 0.07 4.19 16.77
C VAL A 104 1.05 3.91 17.92
N GLY A 105 0.71 2.92 18.74
CA GLY A 105 1.58 2.58 19.86
C GLY A 105 2.74 1.72 19.39
N SER A 106 3.73 1.55 20.26
CA SER A 106 4.82 0.63 19.97
C SER A 106 4.33 -0.82 19.76
N ASP A 107 3.12 -1.14 20.21
CA ASP A 107 2.58 -2.47 19.94
C ASP A 107 1.94 -2.57 18.57
N GLY A 108 1.97 -1.46 17.82
CA GLY A 108 1.43 -1.45 16.46
C GLY A 108 -0.05 -1.14 16.41
N ARG A 109 -0.64 -0.82 17.56
CA ARG A 109 -2.07 -0.53 17.62
C ARG A 109 -2.43 0.96 17.48
N PHE A 110 -3.54 1.21 16.79
CA PHE A 110 -4.05 2.55 16.55
C PHE A 110 -4.37 3.28 17.84
N LEU A 111 -3.87 4.50 17.99
CA LEU A 111 -4.18 5.30 19.16
C LEU A 111 -5.18 6.41 18.85
N ARG A 112 -4.91 7.18 17.80
N ARG A 112 -4.89 7.21 17.82
N ARG A 112 -4.93 7.16 17.78
CA ARG A 112 -5.67 8.38 17.47
CA ARG A 112 -5.74 8.33 17.45
CA ARG A 112 -5.85 8.21 17.39
C ARG A 112 -5.55 8.73 15.99
C ARG A 112 -5.54 8.75 16.00
C ARG A 112 -5.58 8.68 15.98
N GLY A 113 -6.57 9.36 15.41
CA GLY A 113 -6.49 9.85 14.04
C GLY A 113 -6.89 11.31 13.98
N TYR A 114 -6.44 12.03 12.95
CA TYR A 114 -6.80 13.45 12.76
C TYR A 114 -7.14 13.72 11.31
N HIS A 115 -8.07 14.65 11.09
CA HIS A 115 -8.41 15.10 9.76
C HIS A 115 -9.02 16.49 9.93
N GLN A 116 -8.23 17.54 9.68
CA GLN A 116 -8.74 18.86 10.02
C GLN A 116 -8.22 20.00 9.16
N TYR A 117 -9.02 21.06 9.14
CA TYR A 117 -8.76 22.25 8.32
C TYR A 117 -8.74 23.55 9.13
N ALA A 118 -7.91 24.49 8.69
CA ALA A 118 -7.97 25.87 9.15
C ALA A 118 -7.98 26.85 7.99
N TYR A 119 -8.77 27.92 8.13
CA TYR A 119 -8.86 28.95 7.10
C TYR A 119 -8.38 30.27 7.70
N ASP A 120 -7.41 30.89 7.02
CA ASP A 120 -6.75 32.11 7.49
C ASP A 120 -6.30 31.95 8.93
N GLY A 121 -5.78 30.78 9.25
CA GLY A 121 -5.18 30.55 10.55
C GLY A 121 -6.15 30.19 11.67
N LYS A 122 -7.45 30.11 11.37
CA LYS A 122 -8.42 29.71 12.41
C LYS A 122 -9.07 28.37 12.07
N ASP A 123 -9.31 27.57 13.10
CA ASP A 123 -10.02 26.30 12.97
C ASP A 123 -11.24 26.47 12.10
N TYR A 124 -11.39 25.59 11.13
CA TYR A 124 -12.55 25.61 10.27
C TYR A 124 -13.38 24.37 10.55
N ILE A 125 -12.81 23.18 10.31
CA ILE A 125 -13.53 21.96 10.62
C ILE A 125 -12.54 20.86 10.97
N ALA A 126 -12.92 19.98 11.90
CA ALA A 126 -12.06 18.90 12.39
C ALA A 126 -12.83 17.62 12.73
N LEU A 127 -12.27 16.48 12.35
CA LEU A 127 -12.81 15.18 12.76
C LEU A 127 -12.59 15.06 14.26
N LYS A 128 -13.65 14.75 15.01
CA LYS A 128 -13.51 14.57 16.46
C LYS A 128 -12.75 13.29 16.81
N GLU A 129 -12.38 13.16 18.08
CA GLU A 129 -11.58 12.02 18.52
C GLU A 129 -12.18 10.65 18.21
N ASP A 130 -13.51 10.52 18.29
CA ASP A 130 -14.08 9.18 18.07
C ASP A 130 -14.23 8.86 16.59
N LEU A 131 -13.75 9.77 15.74
CA LEU A 131 -13.72 9.60 14.30
C LEU A 131 -15.11 9.42 13.67
N ARG A 132 -16.15 9.93 14.32
CA ARG A 132 -17.51 9.70 13.83
C ARG A 132 -18.30 10.96 13.45
N SER A 133 -17.82 12.12 13.88
CA SER A 133 -18.50 13.37 13.62
C SER A 133 -17.49 14.51 13.63
N TRP A 134 -17.99 15.71 13.34
CA TRP A 134 -17.18 16.89 13.05
C TRP A 134 -17.35 18.01 14.05
N THR A 135 -16.25 18.67 14.37
CA THR A 135 -16.29 19.95 15.05
C THR A 135 -16.18 21.05 14.01
N ALA A 136 -17.28 21.78 13.80
CA ALA A 136 -17.27 22.90 12.87
C ALA A 136 -17.32 24.18 13.68
N ALA A 137 -16.38 25.08 13.39
CA ALA A 137 -16.10 26.21 14.26
C ALA A 137 -17.01 27.43 14.11
N ASP A 138 -17.66 27.61 12.95
CA ASP A 138 -18.45 28.81 12.70
C ASP A 138 -19.58 28.53 11.71
N MET A 139 -20.26 29.59 11.25
CA MET A 139 -21.46 29.37 10.45
C MET A 139 -21.12 28.73 9.11
N ALA A 140 -20.05 29.23 8.49
CA ALA A 140 -19.61 28.72 7.19
C ALA A 140 -19.33 27.22 7.29
N ALA A 141 -18.61 26.85 8.33
CA ALA A 141 -18.19 25.47 8.50
C ALA A 141 -19.38 24.50 8.70
N GLN A 142 -20.53 25.02 9.16
CA GLN A 142 -21.71 24.14 9.30
C GLN A 142 -22.24 23.69 7.96
N ILE A 143 -22.10 24.54 6.95
CA ILE A 143 -22.49 24.15 5.60
C ILE A 143 -21.63 22.97 5.14
N THR A 144 -20.33 23.08 5.37
CA THR A 144 -19.43 22.00 4.96
C THR A 144 -19.78 20.74 5.79
N LYS A 145 -20.04 20.92 7.08
CA LYS A 145 -20.33 19.79 7.96
C LYS A 145 -21.56 19.01 7.46
N ARG A 146 -22.61 19.73 7.10
CA ARG A 146 -23.83 19.10 6.62
C ARG A 146 -23.56 18.32 5.35
N LYS A 147 -22.77 18.94 4.48
CA LYS A 147 -22.35 18.32 3.23
C LYS A 147 -21.57 17.01 3.50
N TRP A 148 -20.61 17.05 4.42
CA TRP A 148 -19.78 15.87 4.69
C TRP A 148 -20.55 14.79 5.47
N GLU A 149 -21.49 15.21 6.31
CA GLU A 149 -22.37 14.26 6.98
C GLU A 149 -23.17 13.46 5.96
N ALA A 150 -23.72 14.14 4.95
CA ALA A 150 -24.57 13.47 3.97
C ALA A 150 -23.77 12.48 3.11
N ALA A 151 -22.50 12.79 2.86
CA ALA A 151 -21.65 11.91 2.03
C ALA A 151 -20.84 10.94 2.87
N HIS A 152 -21.03 10.94 4.19
CA HIS A 152 -20.35 9.98 5.07
C HIS A 152 -18.82 10.09 4.99
N VAL A 153 -18.33 11.32 4.89
CA VAL A 153 -16.91 11.59 4.87
C VAL A 153 -16.22 11.09 6.15
N ALA A 154 -16.86 11.19 7.30
CA ALA A 154 -16.26 10.71 8.55
C ALA A 154 -15.91 9.21 8.46
N GLU A 155 -16.84 8.39 7.97
CA GLU A 155 -16.55 6.95 7.82
C GLU A 155 -15.42 6.66 6.84
N GLN A 156 -15.35 7.41 5.74
CA GLN A 156 -14.27 7.21 4.78
C GLN A 156 -12.94 7.54 5.44
N GLN A 157 -12.91 8.63 6.20
CA GLN A 157 -11.66 9.05 6.82
C GLN A 157 -11.27 8.13 7.98
N ARG A 158 -12.26 7.65 8.72
CA ARG A 158 -11.96 6.68 9.78
C ARG A 158 -11.31 5.42 9.21
N ALA A 159 -11.86 4.92 8.10
CA ALA A 159 -11.33 3.72 7.44
C ALA A 159 -9.90 3.97 6.94
N TYR A 160 -9.65 5.14 6.36
CA TYR A 160 -8.30 5.52 5.94
C TYR A 160 -7.36 5.56 7.15
N LEU A 161 -7.76 6.28 8.18
CA LEU A 161 -6.88 6.56 9.32
C LEU A 161 -6.55 5.29 10.11
N GLU A 162 -7.52 4.41 10.26
CA GLU A 162 -7.31 3.15 11.00
C GLU A 162 -6.68 2.05 10.14
N GLY A 163 -6.67 2.26 8.82
CA GLY A 163 -6.26 1.25 7.87
C GLY A 163 -4.97 1.63 7.15
N THR A 164 -5.11 2.27 6.00
CA THR A 164 -3.99 2.64 5.13
C THR A 164 -2.95 3.49 5.87
N CYS A 165 -3.41 4.46 6.66
CA CYS A 165 -2.52 5.36 7.37
C CYS A 165 -1.60 4.58 8.31
N VAL A 166 -2.20 3.71 9.10
CA VAL A 166 -1.47 2.84 10.02
C VAL A 166 -0.57 1.86 9.25
N ASP A 167 -1.05 1.29 8.15
CA ASP A 167 -0.26 0.35 7.35
C ASP A 167 0.96 1.04 6.81
N GLY A 168 0.77 2.25 6.31
CA GLY A 168 1.84 3.05 5.76
C GLY A 168 2.90 3.37 6.81
N LEU A 169 2.43 3.79 7.98
CA LEU A 169 3.32 4.17 9.06
C LEU A 169 4.21 2.99 9.47
N ARG A 170 3.60 1.82 9.61
CA ARG A 170 4.33 0.63 10.02
C ARG A 170 5.38 0.25 9.00
N ARG A 171 5.01 0.34 7.71
CA ARG A 171 5.94 0.06 6.63
CA ARG A 171 5.95 0.05 6.64
CA ARG A 171 5.94 0.07 6.63
C ARG A 171 7.12 1.03 6.66
N TYR A 172 6.83 2.32 6.86
CA TYR A 172 7.89 3.30 6.89
C TYR A 172 8.82 3.03 8.06
N LEU A 173 8.24 2.69 9.21
CA LEU A 173 9.04 2.39 10.40
C LEU A 173 9.96 1.19 10.19
N GLU A 174 9.49 0.19 9.46
CA GLU A 174 10.34 -0.95 9.12
C GLU A 174 11.49 -0.50 8.20
N ASN A 175 11.18 0.18 7.11
CA ASN A 175 12.20 0.56 6.14
C ASN A 175 13.20 1.55 6.71
N GLY A 176 12.73 2.48 7.53
CA GLY A 176 13.62 3.47 8.12
C GLY A 176 14.04 3.15 9.55
N LYS A 177 13.96 1.87 9.90
CA LYS A 177 14.17 1.43 11.30
C LYS A 177 15.44 1.98 11.96
N GLU A 178 16.56 1.93 11.24
CA GLU A 178 17.86 2.32 11.78
C GLU A 178 17.89 3.77 12.29
N THR A 179 17.04 4.63 11.73
CA THR A 179 16.99 6.01 12.19
C THR A 179 15.67 6.37 12.87
N LEU A 180 14.56 5.80 12.41
CA LEU A 180 13.26 6.25 12.89
C LEU A 180 12.96 5.79 14.30
N GLN A 181 13.55 4.66 14.70
CA GLN A 181 13.28 4.07 16.00
C GLN A 181 14.20 4.58 17.09
N ARG A 182 15.16 5.43 16.74
CA ARG A 182 16.12 5.84 17.74
CA ARG A 182 16.14 5.87 17.73
C ARG A 182 15.46 6.74 18.78
N THR A 183 15.98 6.69 19.99
CA THR A 183 15.59 7.66 21.02
C THR A 183 16.88 8.14 21.62
N ASP A 184 17.53 9.07 20.93
CA ASP A 184 18.78 9.67 21.40
C ASP A 184 18.50 10.63 22.54
N PRO A 185 19.04 10.35 23.74
CA PRO A 185 18.88 11.24 24.89
C PRO A 185 19.60 12.57 24.73
N PRO A 186 19.10 13.61 25.38
CA PRO A 186 19.82 14.88 25.32
C PRO A 186 21.14 14.82 26.05
N LYS A 187 22.17 15.44 25.49
CA LYS A 187 23.37 15.78 26.26
C LYS A 187 23.07 17.10 26.97
N THR A 188 23.27 17.15 28.28
CA THR A 188 22.85 18.32 29.03
C THR A 188 24.03 19.01 29.70
N HIS A 189 23.92 20.31 29.90
CA HIS A 189 24.85 21.02 30.75
C HIS A 189 24.22 22.35 31.13
N MET A 190 24.87 23.05 32.03
CA MET A 190 24.35 24.30 32.53
C MET A 190 25.40 25.39 32.40
N THR A 191 24.97 26.61 32.14
CA THR A 191 25.89 27.74 32.11
C THR A 191 25.41 28.86 33.02
N HIS A 192 26.36 29.67 33.45
CA HIS A 192 26.13 30.74 34.40
C HIS A 192 26.55 32.08 33.80
N HIS A 193 25.66 33.06 33.79
CA HIS A 193 25.93 34.37 33.19
C HIS A 193 25.54 35.53 34.11
N PRO A 194 26.54 36.20 34.72
CA PRO A 194 26.28 37.38 35.55
C PRO A 194 25.60 38.52 34.80
N ILE A 195 24.56 39.10 35.39
CA ILE A 195 23.88 40.25 34.81
C ILE A 195 24.31 41.52 35.54
N SER A 196 24.64 41.36 36.82
CA SER A 196 25.02 42.45 37.69
C SER A 196 25.61 41.86 38.96
N ASP A 197 25.75 42.71 39.99
CA ASP A 197 26.24 42.26 41.28
C ASP A 197 25.13 41.59 42.07
N HIS A 198 23.89 41.87 41.68
CA HIS A 198 22.70 41.33 42.33
C HIS A 198 22.17 40.04 41.69
N GLU A 199 22.36 39.90 40.37
CA GLU A 199 21.73 38.81 39.62
C GLU A 199 22.65 38.11 38.63
N ALA A 200 22.30 36.86 38.29
CA ALA A 200 22.94 36.13 37.21
C ALA A 200 21.90 35.25 36.51
N THR A 201 22.22 34.78 35.31
CA THR A 201 21.33 33.86 34.62
C THR A 201 21.91 32.47 34.69
N LEU A 202 21.07 31.51 35.09
CA LEU A 202 21.39 30.10 34.94
C LEU A 202 20.62 29.55 33.74
N ARG A 203 21.36 28.92 32.82
CA ARG A 203 20.76 28.37 31.61
C ARG A 203 21.02 26.87 31.53
N CYS A 204 19.94 26.09 31.45
CA CYS A 204 20.03 24.64 31.32
C CYS A 204 19.88 24.26 29.86
N TRP A 205 20.81 23.46 29.35
CA TRP A 205 20.88 23.08 27.93
C TRP A 205 20.57 21.61 27.65
N ALA A 206 19.79 21.34 26.61
CA ALA A 206 19.60 19.97 26.13
C ALA A 206 19.95 19.93 24.64
N LEU A 207 20.86 19.05 24.25
CA LEU A 207 21.41 19.08 22.90
C LEU A 207 21.50 17.68 22.35
N GLY A 208 21.34 17.55 21.04
CA GLY A 208 21.53 16.26 20.36
C GLY A 208 20.43 15.23 20.54
N PHE A 209 19.20 15.65 20.89
CA PHE A 209 18.17 14.65 21.19
C PHE A 209 17.19 14.41 20.04
N TYR A 210 16.62 13.19 20.02
CA TYR A 210 15.55 12.77 19.10
C TYR A 210 14.72 11.70 19.79
N PRO A 211 13.38 11.74 19.64
CA PRO A 211 12.53 12.73 18.97
C PRO A 211 12.48 14.06 19.70
N ALA A 212 11.75 15.02 19.13
CA ALA A 212 11.83 16.39 19.62
C ALA A 212 11.13 16.58 20.97
N GLU A 213 10.19 15.70 21.28
CA GLU A 213 9.44 15.80 22.53
C GLU A 213 10.40 15.82 23.73
N ILE A 214 10.25 16.81 24.61
CA ILE A 214 11.13 16.92 25.76
C ILE A 214 10.48 17.79 26.82
N THR A 215 10.82 17.59 28.08
CA THR A 215 10.40 18.53 29.13
C THR A 215 11.62 19.06 29.88
N LEU A 216 11.75 20.37 29.86
CA LEU A 216 12.87 21.07 30.45
C LEU A 216 12.30 22.11 31.39
N THR A 217 12.58 21.98 32.69
CA THR A 217 11.95 22.85 33.70
C THR A 217 12.93 23.22 34.79
N TRP A 218 12.72 24.40 35.38
CA TRP A 218 13.50 24.83 36.53
C TRP A 218 12.66 24.69 37.77
N GLN A 219 13.28 24.27 38.87
CA GLN A 219 12.65 24.36 40.18
C GLN A 219 13.53 25.18 41.12
N ARG A 220 12.87 25.86 42.05
CA ARG A 220 13.53 26.56 43.16
C ARG A 220 13.00 25.97 44.45
N ASP A 221 13.89 25.40 45.27
CA ASP A 221 13.45 24.71 46.50
C ASP A 221 12.36 23.68 46.18
N GLY A 222 12.56 22.90 45.12
CA GLY A 222 11.62 21.84 44.78
C GLY A 222 10.30 22.32 44.21
N GLU A 223 10.23 23.61 43.86
CA GLU A 223 8.99 24.21 43.39
C GLU A 223 9.10 24.71 41.95
N ASP A 224 8.06 24.45 41.17
CA ASP A 224 7.91 24.95 39.80
C ASP A 224 8.22 26.42 39.65
N GLN A 225 9.05 26.72 38.66
CA GLN A 225 9.38 28.09 38.34
C GLN A 225 8.77 28.50 37.01
N THR A 226 7.53 28.05 36.77
CA THR A 226 6.89 28.20 35.47
C THR A 226 6.85 29.66 35.00
N GLN A 227 6.43 30.56 35.88
CA GLN A 227 6.26 31.96 35.49
C GLN A 227 7.52 32.81 35.62
N ASP A 228 8.66 32.17 35.87
CA ASP A 228 9.94 32.90 35.90
C ASP A 228 11.00 32.23 35.00
N THR A 229 10.57 31.23 34.25
CA THR A 229 11.48 30.53 33.36
C THR A 229 11.43 31.11 31.94
N GLU A 230 12.58 31.47 31.39
CA GLU A 230 12.61 31.73 29.96
C GLU A 230 12.87 30.40 29.22
N LEU A 231 11.91 30.02 28.40
CA LEU A 231 11.89 28.70 27.78
C LEU A 231 11.78 28.85 26.26
N VAL A 232 12.85 28.58 25.53
CA VAL A 232 12.75 28.73 24.08
C VAL A 232 12.09 27.50 23.44
N GLU A 233 11.57 27.70 22.24
CA GLU A 233 10.98 26.61 21.47
CA GLU A 233 10.98 26.60 21.48
C GLU A 233 12.05 25.59 21.10
N THR A 234 11.66 24.32 21.15
CA THR A 234 12.55 23.27 20.69
C THR A 234 12.91 23.54 19.23
N ARG A 235 14.19 23.44 18.92
CA ARG A 235 14.64 23.88 17.60
C ARG A 235 15.49 22.80 16.96
N PRO A 236 15.42 22.68 15.63
CA PRO A 236 16.20 21.67 14.91
C PRO A 236 17.68 22.06 14.85
N ALA A 237 18.57 21.13 15.11
CA ALA A 237 20.00 21.40 14.91
C ALA A 237 20.38 21.41 13.43
N GLY A 238 19.60 20.70 12.61
CA GLY A 238 19.87 20.59 11.19
C GLY A 238 20.44 19.26 10.78
N ASP A 239 20.87 18.46 11.76
CA ASP A 239 21.49 17.17 11.48
C ASP A 239 20.62 16.00 11.93
N GLY A 240 19.34 16.27 12.16
CA GLY A 240 18.44 15.22 12.61
C GLY A 240 18.22 15.22 14.11
N THR A 241 18.90 16.09 14.85
CA THR A 241 18.68 16.21 16.29
C THR A 241 18.03 17.53 16.67
N PHE A 242 17.64 17.68 17.93
CA PHE A 242 16.98 18.90 18.41
C PHE A 242 17.68 19.49 19.60
N GLN A 243 17.41 20.76 19.87
CA GLN A 243 18.05 21.52 20.92
C GLN A 243 16.97 22.29 21.68
N LYS A 244 17.22 22.55 22.96
CA LYS A 244 16.35 23.39 23.75
C LYS A 244 17.14 23.90 24.95
N TRP A 245 16.83 25.11 25.42
CA TRP A 245 17.34 25.52 26.71
C TRP A 245 16.26 26.20 27.53
N ALA A 246 16.43 26.18 28.85
CA ALA A 246 15.59 26.93 29.78
C ALA A 246 16.49 27.75 30.70
N ALA A 247 16.08 28.97 31.04
CA ALA A 247 16.90 29.83 31.87
C ALA A 247 16.08 30.48 32.98
N VAL A 248 16.76 30.78 34.08
CA VAL A 248 16.20 31.56 35.16
C VAL A 248 17.19 32.63 35.60
N VAL A 249 16.63 33.75 36.04
CA VAL A 249 17.40 34.81 36.69
C VAL A 249 17.41 34.55 38.19
N VAL A 250 18.59 34.39 38.76
CA VAL A 250 18.69 34.09 40.18
C VAL A 250 19.47 35.17 40.92
N PRO A 251 19.06 35.46 42.17
CA PRO A 251 19.82 36.37 43.04
C PRO A 251 21.20 35.80 43.32
N SER A 252 22.23 36.65 43.36
CA SER A 252 23.59 36.19 43.63
C SER A 252 23.65 35.41 44.93
N GLY A 253 24.40 34.31 44.92
CA GLY A 253 24.54 33.48 46.10
C GLY A 253 23.47 32.41 46.25
N GLU A 254 22.38 32.54 45.49
CA GLU A 254 21.26 31.61 45.63
C GLU A 254 21.23 30.47 44.60
N GLU A 255 22.34 30.25 43.89
CA GLU A 255 22.38 29.26 42.81
C GLU A 255 21.96 27.86 43.25
N GLN A 256 22.31 27.48 44.47
CA GLN A 256 22.07 26.11 44.90
C GLN A 256 20.60 25.83 45.21
N ARG A 257 19.76 26.86 45.25
CA ARG A 257 18.33 26.66 45.43
C ARG A 257 17.71 26.10 44.15
N TYR A 258 18.43 26.23 43.04
CA TYR A 258 17.88 25.90 41.73
C TYR A 258 18.34 24.56 41.19
N THR A 259 17.38 23.84 40.60
CA THR A 259 17.67 22.60 39.89
C THR A 259 16.97 22.59 38.55
N CYS A 260 17.65 22.05 37.55
CA CYS A 260 17.09 21.87 36.23
C CYS A 260 16.64 20.45 36.06
N HIS A 261 15.47 20.25 35.45
CA HIS A 261 14.90 18.92 35.32
C HIS A 261 14.65 18.58 33.87
N VAL A 262 15.07 17.38 33.48
CA VAL A 262 15.01 16.95 32.08
C VAL A 262 14.29 15.59 31.94
N GLN A 263 13.20 15.57 31.19
CA GLN A 263 12.52 14.33 30.86
C GLN A 263 12.59 14.12 29.36
N HIS A 264 13.01 12.92 28.95
CA HIS A 264 13.07 12.59 27.54
C HIS A 264 13.06 11.08 27.39
N GLU A 265 12.32 10.59 26.39
CA GLU A 265 12.17 9.15 26.21
C GLU A 265 13.50 8.39 26.13
N GLY A 266 14.55 9.04 25.64
CA GLY A 266 15.86 8.40 25.55
C GLY A 266 16.60 8.24 26.87
N LEU A 267 16.14 8.92 27.91
CA LEU A 267 16.80 8.88 29.21
C LEU A 267 16.37 7.63 30.00
N PRO A 268 17.34 6.89 30.56
CA PRO A 268 16.97 5.79 31.47
C PRO A 268 16.15 6.30 32.66
N LYS A 269 16.51 7.48 33.15
CA LYS A 269 15.83 8.15 34.26
C LYS A 269 15.84 9.66 34.03
N PRO A 270 14.79 10.36 34.48
CA PRO A 270 14.80 11.83 34.45
C PRO A 270 16.03 12.40 35.12
N LEU A 271 16.54 13.50 34.57
CA LEU A 271 17.75 14.12 35.08
C LEU A 271 17.42 15.29 35.99
N THR A 272 18.19 15.43 37.06
CA THR A 272 18.19 16.64 37.89
C THR A 272 19.59 17.23 37.87
N LEU A 273 19.71 18.48 37.41
CA LEU A 273 21.01 19.14 37.33
C LEU A 273 21.12 20.31 38.30
N ARG A 274 22.32 20.48 38.86
CA ARG A 274 22.63 21.57 39.78
CA ARG A 274 22.60 21.59 39.76
C ARG A 274 23.83 22.36 39.26
N TRP A 275 23.96 23.61 39.63
CA TRP A 275 25.11 24.37 39.20
C TRP A 275 26.33 23.92 39.99
N GLU A 276 27.27 23.33 39.29
CA GLU A 276 28.48 22.82 39.88
C GLU A 276 29.65 23.61 39.37
N PRO A 277 30.06 24.61 40.12
CA PRO A 277 31.18 25.46 39.74
C PRO A 277 32.47 24.65 39.64
N ALA B 1 -8.82 37.55 9.72
CA ALA B 1 -7.66 36.68 9.62
C ALA B 1 -6.70 36.88 10.80
N ILE B 2 -6.37 35.79 11.46
CA ILE B 2 -5.42 35.80 12.58
C ILE B 2 -4.00 36.14 12.11
N GLN B 3 -3.27 36.92 12.90
CA GLN B 3 -1.87 37.18 12.60
C GLN B 3 -0.98 36.99 13.81
N ARG B 4 0.10 36.25 13.61
CA ARG B 4 1.06 35.96 14.68
CA ARG B 4 1.05 35.98 14.68
C ARG B 4 2.47 36.31 14.22
N THR B 5 3.23 36.98 15.11
CA THR B 5 4.57 37.45 14.80
CA THR B 5 4.57 37.44 14.79
C THR B 5 5.58 36.32 14.95
N PRO B 6 6.61 36.29 14.08
CA PRO B 6 7.61 35.22 14.18
C PRO B 6 8.47 35.23 15.44
N LYS B 7 8.69 34.06 16.01
CA LYS B 7 9.73 33.89 17.01
C LYS B 7 10.98 33.59 16.23
N ILE B 8 12.12 34.09 16.69
CA ILE B 8 13.35 34.03 15.91
C ILE B 8 14.49 33.54 16.79
N GLN B 9 15.14 32.46 16.39
CA GLN B 9 16.33 32.00 17.10
C GLN B 9 17.49 31.86 16.13
N VAL B 10 18.65 32.39 16.53
CA VAL B 10 19.86 32.30 15.72
C VAL B 10 20.91 31.56 16.52
N TYR B 11 21.52 30.56 15.93
CA TYR B 11 22.32 29.64 16.71
C TYR B 11 23.10 28.72 15.81
N SER B 12 24.18 28.17 16.35
CA SER B 12 24.99 27.25 15.57
C SER B 12 24.58 25.80 15.83
N ARG B 13 24.83 24.94 14.86
CA ARG B 13 24.52 23.54 15.04
C ARG B 13 25.33 22.96 16.18
N HIS B 14 26.64 23.24 16.14
CA HIS B 14 27.60 22.78 17.14
C HIS B 14 28.10 23.95 17.96
N PRO B 15 28.63 23.67 19.16
CA PRO B 15 29.19 24.78 19.95
C PRO B 15 30.29 25.43 19.13
N ALA B 16 30.31 26.76 19.07
CA ALA B 16 31.30 27.40 18.20
C ALA B 16 32.68 27.22 18.76
N GLU B 17 33.64 26.98 17.88
CA GLU B 17 35.04 27.19 18.22
C GLU B 17 35.68 27.87 17.02
N ASN B 18 36.27 29.04 17.27
CA ASN B 18 36.82 29.86 16.22
C ASN B 18 37.75 29.06 15.33
N GLY B 19 37.45 29.03 14.03
CA GLY B 19 38.28 28.34 13.07
C GLY B 19 37.76 26.99 12.59
N LYS B 20 36.80 26.42 13.30
CA LYS B 20 36.23 25.12 12.91
C LYS B 20 34.89 25.29 12.20
N SER B 21 34.73 24.61 11.07
CA SER B 21 33.52 24.75 10.26
C SER B 21 32.31 24.22 11.03
N ASN B 22 31.15 24.80 10.73
CA ASN B 22 29.95 24.61 11.54
C ASN B 22 28.78 24.96 10.63
N PHE B 23 27.60 25.12 11.22
CA PHE B 23 26.39 25.53 10.51
C PHE B 23 25.70 26.60 11.30
N LEU B 24 25.31 27.65 10.62
CA LEU B 24 24.61 28.75 11.26
C LEU B 24 23.10 28.63 10.95
N ASN B 25 22.28 28.63 12.00
CA ASN B 25 20.85 28.39 11.86
C ASN B 25 20.04 29.61 12.19
N CYS B 26 18.99 29.86 11.41
CA CYS B 26 17.96 30.80 11.87
C CYS B 26 16.62 30.09 11.83
N TYR B 27 16.06 29.83 13.00
CA TYR B 27 14.78 29.14 13.12
C TYR B 27 13.69 30.15 13.38
N VAL B 28 12.73 30.26 12.46
CA VAL B 28 11.62 31.17 12.65
C VAL B 28 10.36 30.34 12.82
N SER B 29 9.61 30.63 13.88
CA SER B 29 8.43 29.83 14.16
C SER B 29 7.30 30.68 14.69
N GLY B 30 6.13 30.04 14.85
CA GLY B 30 4.99 30.69 15.45
C GLY B 30 4.37 31.81 14.67
N PHE B 31 4.64 31.90 13.36
CA PHE B 31 4.14 33.05 12.59
C PHE B 31 2.95 32.70 11.71
N HIS B 32 2.19 33.71 11.30
CA HIS B 32 1.05 33.57 10.40
C HIS B 32 0.68 34.97 9.92
N PRO B 33 0.43 35.15 8.61
CA PRO B 33 0.44 34.17 7.53
C PRO B 33 1.87 33.75 7.14
N SER B 34 2.01 32.95 6.09
CA SER B 34 3.27 32.26 5.84
C SER B 34 4.33 33.04 5.07
N ASP B 35 3.94 34.10 4.35
CA ASP B 35 4.95 34.86 3.60
C ASP B 35 5.90 35.55 4.59
N ILE B 36 7.19 35.38 4.35
CA ILE B 36 8.21 35.85 5.25
C ILE B 36 9.54 35.99 4.50
N GLU B 37 10.40 36.91 4.90
CA GLU B 37 11.73 37.06 4.29
C GLU B 37 12.77 36.84 5.37
N VAL B 38 13.74 36.01 5.09
CA VAL B 38 14.76 35.67 6.06
C VAL B 38 16.14 35.73 5.43
N ASP B 39 17.02 36.56 5.99
CA ASP B 39 18.41 36.57 5.54
C ASP B 39 19.35 36.33 6.72
N LEU B 40 20.39 35.54 6.45
CA LEU B 40 21.49 35.40 7.38
C LEU B 40 22.53 36.46 7.00
N LEU B 41 22.98 37.25 7.97
CA LEU B 41 23.98 38.29 7.70
C LEU B 41 25.36 37.92 8.27
N LYS B 42 26.40 38.26 7.52
CA LYS B 42 27.77 38.19 8.04
C LYS B 42 28.35 39.60 8.01
N ASN B 43 28.55 40.18 9.19
CA ASN B 43 29.04 41.59 9.30
C ASN B 43 28.12 42.48 8.48
N GLY B 44 26.81 42.39 8.70
CA GLY B 44 25.80 43.23 8.05
C GLY B 44 25.47 42.91 6.60
N GLU B 45 26.19 42.00 5.95
CA GLU B 45 25.98 41.67 4.53
C GLU B 45 25.30 40.32 4.36
N ARG B 46 24.39 40.23 3.41
CA ARG B 46 23.62 39.01 3.16
C ARG B 46 24.53 37.87 2.68
N ILE B 47 24.48 36.77 3.40
CA ILE B 47 25.15 35.52 3.04
C ILE B 47 24.42 34.93 1.84
N GLU B 48 25.13 34.29 0.92
CA GLU B 48 24.55 33.95 -0.37
C GLU B 48 23.93 32.55 -0.46
N LYS B 49 24.73 31.52 -0.21
CA LYS B 49 24.25 30.14 -0.37
C LYS B 49 23.47 29.68 0.87
N VAL B 50 22.28 30.24 1.07
CA VAL B 50 21.48 29.93 2.26
C VAL B 50 20.27 29.07 1.90
N GLU B 51 20.16 27.92 2.55
CA GLU B 51 19.07 26.99 2.25
C GLU B 51 17.99 27.03 3.33
N HIS B 52 16.81 26.50 3.04
CA HIS B 52 15.78 26.41 4.06
C HIS B 52 14.87 25.19 3.90
N SER B 53 14.27 24.79 5.01
CA SER B 53 13.39 23.62 5.06
C SER B 53 12.06 23.91 4.37
N ASP B 54 11.35 22.85 4.03
CA ASP B 54 10.02 22.97 3.45
C ASP B 54 9.01 23.53 4.47
N LEU B 55 8.18 24.45 4.01
CA LEU B 55 7.16 25.07 4.84
C LEU B 55 6.27 24.03 5.55
N SER B 56 6.22 24.12 6.87
CA SER B 56 5.30 23.27 7.63
CA SER B 56 5.41 23.24 7.71
C SER B 56 4.72 24.07 8.78
N PHE B 57 3.82 23.45 9.55
CA PHE B 57 3.16 24.18 10.63
C PHE B 57 2.90 23.31 11.85
N SER B 58 2.66 23.96 12.97
CA SER B 58 2.47 23.32 14.26
C SER B 58 1.00 23.04 14.56
N LYS B 59 0.76 22.45 15.72
CA LYS B 59 -0.58 22.14 16.20
C LYS B 59 -1.52 23.35 16.16
N ASP B 60 -1.03 24.51 16.58
CA ASP B 60 -1.85 25.72 16.56
C ASP B 60 -1.93 26.39 15.18
N TRP B 61 -1.48 25.69 14.13
CA TRP B 61 -1.51 26.15 12.73
C TRP B 61 -0.48 27.22 12.37
N SER B 62 0.32 27.68 13.32
CA SER B 62 1.38 28.63 12.99
C SER B 62 2.54 27.90 12.25
N PHE B 63 3.18 28.61 11.31
CA PHE B 63 4.24 28.05 10.45
C PHE B 63 5.62 28.08 11.10
N TYR B 64 6.53 27.24 10.61
CA TYR B 64 7.92 27.30 11.05
C TYR B 64 8.86 26.96 9.88
N LEU B 65 10.05 27.54 9.92
CA LEU B 65 11.03 27.41 8.86
C LEU B 65 12.42 27.44 9.48
N LEU B 66 13.31 26.61 8.94
CA LEU B 66 14.70 26.67 9.33
C LEU B 66 15.53 27.15 8.16
N TYR B 67 16.23 28.25 8.34
CA TYR B 67 17.22 28.71 7.34
C TYR B 67 18.61 28.37 7.82
N TYR B 68 19.47 27.87 6.94
CA TYR B 68 20.80 27.45 7.37
C TYR B 68 21.86 27.62 6.29
N THR B 69 23.11 27.74 6.75
CA THR B 69 24.27 27.74 5.87
C THR B 69 25.51 27.26 6.63
N GLU B 70 26.45 26.65 5.91
CA GLU B 70 27.78 26.41 6.46
C GLU B 70 28.46 27.73 6.79
N PHE B 71 29.32 27.68 7.79
CA PHE B 71 30.13 28.79 8.20
C PHE B 71 31.30 28.38 9.09
N THR B 72 32.26 29.27 9.20
CA THR B 72 33.39 29.04 10.04
C THR B 72 33.48 30.26 10.86
N PRO B 73 33.08 30.15 12.12
CA PRO B 73 33.09 31.28 13.02
C PRO B 73 34.49 31.72 13.40
N THR B 74 34.56 32.96 13.81
CA THR B 74 35.82 33.54 14.24
C THR B 74 35.56 34.37 15.47
N GLU B 75 36.62 34.93 16.03
CA GLU B 75 36.50 35.82 17.18
C GLU B 75 35.86 37.13 16.78
N LYS B 76 36.13 37.54 15.54
CA LYS B 76 35.79 38.88 15.08
C LYS B 76 34.44 38.99 14.37
N ASP B 77 34.11 37.99 13.54
CA ASP B 77 32.96 38.08 12.65
C ASP B 77 31.62 38.12 13.40
N GLU B 78 30.80 39.11 13.06
CA GLU B 78 29.44 39.20 13.59
C GLU B 78 28.44 38.52 12.66
N TYR B 79 27.54 37.72 13.23
CA TYR B 79 26.48 37.11 12.45
C TYR B 79 25.12 37.46 13.00
N ALA B 80 24.14 37.46 12.11
CA ALA B 80 22.80 37.84 12.50
C ALA B 80 21.78 37.25 11.54
N CYS B 81 20.53 37.30 11.96
CA CYS B 81 19.42 36.90 11.12
C CYS B 81 18.48 38.08 10.98
N ARG B 82 18.11 38.42 9.74
CA ARG B 82 17.19 39.53 9.51
C ARG B 82 15.86 39.00 8.97
N VAL B 83 14.77 39.38 9.62
CA VAL B 83 13.47 38.81 9.32
C VAL B 83 12.43 39.87 9.05
N ASN B 84 11.72 39.76 7.93
CA ASN B 84 10.60 40.64 7.70
C ASN B 84 9.30 39.86 7.52
N HIS B 85 8.24 40.38 8.13
CA HIS B 85 6.93 39.75 8.14
C HIS B 85 5.91 40.88 8.24
N VAL B 86 4.68 40.63 7.80
CA VAL B 86 3.64 41.67 7.74
C VAL B 86 3.31 42.21 9.13
N THR B 87 3.61 41.42 10.16
CA THR B 87 3.37 41.86 11.54
C THR B 87 4.47 42.78 12.07
N LEU B 88 5.51 43.00 11.27
CA LEU B 88 6.62 43.83 11.72
C LEU B 88 6.65 45.19 11.02
N SER B 89 6.68 46.26 11.82
CA SER B 89 6.88 47.62 11.32
C SER B 89 8.12 47.74 10.44
N GLN B 90 9.20 47.11 10.89
CA GLN B 90 10.48 47.18 10.22
C GLN B 90 11.16 45.82 10.34
N PRO B 91 12.14 45.53 9.47
CA PRO B 91 12.76 44.20 9.60
C PRO B 91 13.40 43.99 10.98
N LYS B 92 13.31 42.76 11.49
CA LYS B 92 13.89 42.45 12.80
C LYS B 92 15.24 41.77 12.60
N ILE B 93 16.25 42.30 13.28
CA ILE B 93 17.59 41.76 13.19
C ILE B 93 17.96 41.15 14.53
N VAL B 94 18.26 39.86 14.54
CA VAL B 94 18.68 39.18 15.76
C VAL B 94 20.12 38.71 15.62
N LYS B 95 20.99 39.24 16.47
CA LYS B 95 22.42 38.91 16.42
C LYS B 95 22.70 37.51 16.97
N TRP B 96 23.60 36.78 16.33
CA TRP B 96 24.02 35.50 16.85
C TRP B 96 24.83 35.69 18.13
N ASP B 97 24.38 35.05 19.20
CA ASP B 97 25.09 35.04 20.46
C ASP B 97 25.50 33.59 20.73
N ARG B 98 26.79 33.30 20.67
CA ARG B 98 27.24 31.92 20.69
C ARG B 98 26.88 31.18 21.99
N ASP B 99 26.41 31.92 23.00
CA ASP B 99 25.93 31.34 24.25
C ASP B 99 24.41 31.17 24.28
N MET B 100 23.76 31.24 23.12
CA MET B 100 22.29 31.11 23.07
C MET B 100 21.77 30.22 21.93
N ARG C 1 1.83 7.34 3.13
CA ARG C 1 0.82 7.10 2.11
C ARG C 1 -0.45 7.91 2.40
N ALA C 2 -0.72 8.91 1.57
CA ALA C 2 -1.71 9.92 1.89
C ALA C 2 -3.15 9.48 1.61
N GLY C 3 -4.10 10.08 2.33
CA GLY C 3 -5.50 9.86 2.07
C GLY C 3 -6.03 10.91 1.12
N PHE C 4 -7.32 11.20 1.21
CA PHE C 4 -7.92 12.16 0.30
C PHE C 4 -8.72 13.22 1.07
N VAL C 5 -9.16 14.25 0.36
CA VAL C 5 -9.98 15.30 0.96
C VAL C 5 -11.21 15.59 0.11
N ALA C 6 -12.15 16.33 0.67
CA ALA C 6 -13.40 16.64 -0.01
C ALA C 6 -13.60 18.16 -0.16
N ASN C 7 -14.54 18.54 -1.02
CA ASN C 7 -14.89 19.96 -1.17
C ASN C 7 -15.69 20.50 0.04
N PHE C 8 -15.46 21.79 0.33
CA PHE C 8 -16.23 22.52 1.32
C PHE C 8 -17.68 22.75 0.89
N ALA D 1 9.38 -14.17 -14.16
CA ALA D 1 8.48 -13.13 -13.68
C ALA D 1 8.73 -12.76 -12.23
N GLY D 2 8.31 -11.55 -11.84
CA GLY D 2 8.50 -11.09 -10.49
C GLY D 2 7.74 -11.88 -9.43
N SER D 3 6.66 -12.53 -9.82
CA SER D 3 5.98 -13.42 -8.87
C SER D 3 5.46 -14.67 -9.57
N HIS D 4 5.30 -15.72 -8.80
CA HIS D 4 4.87 -17.01 -9.31
C HIS D 4 3.86 -17.62 -8.34
N SER D 5 3.04 -18.53 -8.85
CA SER D 5 1.99 -19.12 -8.05
C SER D 5 1.91 -20.63 -8.15
N MET D 6 1.39 -21.21 -7.06
CA MET D 6 0.95 -22.60 -7.05
C MET D 6 -0.51 -22.62 -6.66
N ARG D 7 -1.28 -23.45 -7.34
CA ARG D 7 -2.72 -23.58 -7.07
C ARG D 7 -3.17 -25.03 -7.19
N TYR D 8 -3.94 -25.48 -6.22
CA TYR D 8 -4.67 -26.73 -6.33
C TYR D 8 -6.14 -26.44 -6.53
N PHE D 9 -6.75 -27.11 -7.51
CA PHE D 9 -8.17 -26.97 -7.79
C PHE D 9 -8.87 -28.32 -7.57
N TYR D 10 -9.89 -28.32 -6.70
CA TYR D 10 -10.63 -29.54 -6.34
C TYR D 10 -12.10 -29.41 -6.75
N THR D 11 -12.62 -30.44 -7.40
CA THR D 11 -14.02 -30.50 -7.81
C THR D 11 -14.64 -31.81 -7.37
N SER D 12 -15.69 -31.73 -6.55
CA SER D 12 -16.51 -32.89 -6.20
C SER D 12 -17.91 -32.71 -6.76
N VAL D 13 -18.43 -33.74 -7.43
CA VAL D 13 -19.78 -33.71 -7.98
C VAL D 13 -20.55 -34.94 -7.50
N SER D 14 -21.59 -34.72 -6.69
CA SER D 14 -22.41 -35.83 -6.19
C SER D 14 -23.15 -36.51 -7.33
N ARG D 15 -23.39 -37.81 -7.17
CA ARG D 15 -23.98 -38.64 -8.22
C ARG D 15 -25.06 -39.53 -7.62
N PRO D 16 -26.21 -38.95 -7.20
CA PRO D 16 -27.19 -39.74 -6.44
C PRO D 16 -27.64 -40.98 -7.21
N GLY D 17 -27.69 -42.11 -6.52
CA GLY D 17 -27.95 -43.38 -7.19
C GLY D 17 -26.69 -44.05 -7.69
N ARG D 18 -25.80 -43.30 -8.35
CA ARG D 18 -24.62 -43.89 -8.97
C ARG D 18 -23.36 -43.82 -8.10
N GLY D 19 -23.45 -44.15 -6.82
CA GLY D 19 -22.29 -44.21 -5.95
C GLY D 19 -21.76 -42.89 -5.41
N GLU D 20 -20.53 -42.91 -4.87
CA GLU D 20 -19.89 -41.74 -4.25
C GLU D 20 -19.60 -40.65 -5.28
N PRO D 21 -19.49 -39.39 -4.81
CA PRO D 21 -19.23 -38.27 -5.72
C PRO D 21 -17.95 -38.43 -6.56
N ARG D 22 -17.99 -37.96 -7.81
CA ARG D 22 -16.80 -37.83 -8.63
C ARG D 22 -15.91 -36.74 -8.04
N PHE D 23 -14.65 -37.09 -7.78
CA PHE D 23 -13.69 -36.14 -7.20
C PHE D 23 -12.48 -35.98 -8.10
N ILE D 24 -12.22 -34.75 -8.54
CA ILE D 24 -11.05 -34.47 -9.37
C ILE D 24 -10.19 -33.39 -8.72
N ALA D 25 -8.89 -33.67 -8.60
CA ALA D 25 -7.94 -32.71 -8.07
C ALA D 25 -6.82 -32.47 -9.09
N VAL D 26 -6.46 -31.20 -9.31
CA VAL D 26 -5.33 -30.88 -10.17
C VAL D 26 -4.48 -29.81 -9.52
N GLY D 27 -3.16 -29.93 -9.67
CA GLY D 27 -2.22 -28.95 -9.13
C GLY D 27 -1.52 -28.22 -10.25
N TYR D 28 -1.29 -26.92 -10.06
CA TYR D 28 -0.67 -26.04 -11.07
C TYR D 28 0.52 -25.25 -10.50
N VAL D 29 1.60 -25.11 -11.27
CA VAL D 29 2.58 -24.07 -10.99
C VAL D 29 2.41 -23.10 -12.13
N ASP D 30 2.06 -21.86 -11.81
CA ASP D 30 1.65 -20.88 -12.82
C ASP D 30 0.62 -21.51 -13.74
N ASP D 31 0.84 -21.46 -15.05
CA ASP D 31 -0.10 -21.99 -16.01
C ASP D 31 0.18 -23.45 -16.41
N THR D 32 0.98 -24.14 -15.61
CA THR D 32 1.41 -25.49 -15.93
C THR D 32 0.91 -26.56 -14.96
N GLN D 33 0.15 -27.54 -15.45
CA GLN D 33 -0.37 -28.59 -14.59
C GLN D 33 0.71 -29.61 -14.27
N PHE D 34 0.81 -30.03 -13.02
CA PHE D 34 1.91 -30.92 -12.67
C PHE D 34 1.47 -32.16 -11.90
N VAL D 35 0.25 -32.16 -11.36
CA VAL D 35 -0.32 -33.37 -10.76
C VAL D 35 -1.83 -33.46 -11.01
N ARG D 36 -2.35 -34.69 -10.96
CA ARG D 36 -3.79 -34.89 -10.98
C ARG D 36 -4.16 -36.09 -10.13
N PHE D 37 -5.38 -36.05 -9.60
CA PHE D 37 -6.03 -37.21 -9.01
C PHE D 37 -7.47 -37.27 -9.54
N ASP D 38 -7.92 -38.45 -9.92
CA ASP D 38 -9.30 -38.64 -10.40
C ASP D 38 -9.88 -39.90 -9.77
N SER D 39 -10.94 -39.72 -8.99
CA SER D 39 -11.54 -40.83 -8.24
C SER D 39 -12.07 -41.94 -9.17
N ASP D 40 -12.34 -41.60 -10.41
CA ASP D 40 -12.80 -42.57 -11.43
C ASP D 40 -11.66 -43.47 -11.93
N ALA D 41 -10.41 -43.04 -11.76
CA ALA D 41 -9.28 -43.75 -12.37
C ALA D 41 -8.81 -44.95 -11.55
N ALA D 42 -8.21 -45.93 -12.22
CA ALA D 42 -7.90 -47.21 -11.57
C ALA D 42 -6.79 -47.12 -10.53
N SER D 43 -5.82 -46.23 -10.75
CA SER D 43 -4.66 -46.14 -9.87
C SER D 43 -5.03 -45.76 -8.45
N GLN D 44 -6.01 -44.86 -8.29
CA GLN D 44 -6.29 -44.28 -6.98
C GLN D 44 -5.00 -43.69 -6.40
N ARG D 45 -4.20 -43.09 -7.27
CA ARG D 45 -3.03 -42.36 -6.79
C ARG D 45 -2.91 -40.98 -7.43
N MET D 46 -2.32 -40.04 -6.68
CA MET D 46 -1.88 -38.81 -7.29
C MET D 46 -0.91 -39.16 -8.41
N GLU D 47 -1.10 -38.56 -9.57
CA GLU D 47 -0.26 -38.88 -10.73
C GLU D 47 0.44 -37.64 -11.28
N PRO D 48 1.64 -37.83 -11.86
CA PRO D 48 2.45 -36.77 -12.46
C PRO D 48 1.87 -36.26 -13.77
N ARG D 49 1.95 -34.96 -14.03
CA ARG D 49 1.43 -34.44 -15.28
C ARG D 49 2.44 -33.50 -15.94
N ALA D 50 3.60 -33.36 -15.31
CA ALA D 50 4.74 -32.64 -15.91
C ALA D 50 6.01 -33.38 -15.54
N PRO D 51 7.01 -33.37 -16.44
CA PRO D 51 8.24 -34.16 -16.22
C PRO D 51 8.97 -33.85 -14.91
N TRP D 52 9.11 -32.59 -14.54
CA TRP D 52 9.94 -32.25 -13.38
C TRP D 52 9.40 -32.73 -12.03
N ILE D 53 8.10 -33.03 -11.94
CA ILE D 53 7.57 -33.52 -10.66
C ILE D 53 7.99 -34.98 -10.40
N GLU D 54 8.32 -35.71 -11.45
CA GLU D 54 8.78 -37.10 -11.27
C GLU D 54 10.15 -37.21 -10.58
N GLN D 55 10.75 -36.07 -10.27
CA GLN D 55 12.02 -36.04 -9.53
C GLN D 55 11.80 -36.20 -8.04
N GLU D 56 10.55 -36.20 -7.57
N GLU D 56 10.53 -36.19 -7.63
CA GLU D 56 10.27 -35.97 -6.14
CA GLU D 56 10.16 -36.40 -6.24
C GLU D 56 10.65 -37.10 -5.16
C GLU D 56 10.30 -37.88 -5.88
N GLY D 57 10.52 -38.35 -5.56
N GLY D 57 10.86 -38.14 -4.71
CA GLY D 57 10.81 -39.47 -4.69
CA GLY D 57 11.02 -39.49 -4.24
C GLY D 57 9.56 -40.19 -4.26
C GLY D 57 9.68 -40.15 -4.01
N PRO D 58 9.68 -41.48 -3.89
CA PRO D 58 8.51 -42.33 -3.62
C PRO D 58 7.67 -41.90 -2.42
N GLU D 59 8.29 -41.36 -1.37
CA GLU D 59 7.55 -40.90 -0.20
C GLU D 59 6.59 -39.76 -0.54
N TYR D 60 7.02 -38.87 -1.43
CA TYR D 60 6.18 -37.78 -1.90
C TYR D 60 4.88 -38.32 -2.49
N TRP D 61 4.99 -39.30 -3.38
CA TRP D 61 3.82 -39.83 -4.07
C TRP D 61 2.89 -40.54 -3.11
N ASP D 62 3.44 -41.23 -2.10
CA ASP D 62 2.61 -41.84 -1.07
C ASP D 62 1.91 -40.77 -0.22
N GLU D 63 2.67 -39.76 0.19
CA GLU D 63 2.14 -38.69 1.03
C GLU D 63 1.02 -37.90 0.33
N GLU D 64 1.25 -37.51 -0.92
CA GLU D 64 0.26 -36.71 -1.64
C GLU D 64 -0.99 -37.51 -1.98
N THR D 65 -0.81 -38.81 -2.26
CA THR D 65 -1.94 -39.72 -2.46
C THR D 65 -2.81 -39.78 -1.22
N GLY D 66 -2.18 -40.00 -0.06
CA GLY D 66 -2.91 -40.04 1.19
C GLY D 66 -3.67 -38.76 1.50
N LYS D 67 -3.05 -37.61 1.22
CA LYS D 67 -3.73 -36.35 1.53
C LYS D 67 -4.89 -36.12 0.59
N VAL D 68 -4.69 -36.38 -0.70
CA VAL D 68 -5.73 -36.09 -1.66
C VAL D 68 -6.92 -37.03 -1.40
N LYS D 69 -6.66 -38.26 -0.96
CA LYS D 69 -7.77 -39.17 -0.63
C LYS D 69 -8.51 -38.75 0.62
N ALA D 70 -7.78 -38.25 1.62
CA ALA D 70 -8.42 -37.69 2.81
C ALA D 70 -9.29 -36.49 2.42
N HIS D 71 -8.75 -35.63 1.55
CA HIS D 71 -9.48 -34.48 1.02
C HIS D 71 -10.79 -34.91 0.35
N SER D 72 -10.74 -35.92 -0.51
CA SER D 72 -11.95 -36.35 -1.22
C SER D 72 -13.02 -36.81 -0.23
N GLN D 73 -12.58 -37.45 0.85
CA GLN D 73 -13.48 -37.92 1.89
CA GLN D 73 -13.50 -37.92 1.88
C GLN D 73 -14.10 -36.75 2.64
N THR D 74 -13.28 -35.74 2.95
CA THR D 74 -13.80 -34.61 3.71
C THR D 74 -14.82 -33.85 2.85
N ASP D 75 -14.55 -33.71 1.55
CA ASP D 75 -15.46 -32.93 0.72
C ASP D 75 -16.71 -33.73 0.35
N ARG D 76 -16.59 -35.06 0.35
CA ARG D 76 -17.74 -35.97 0.36
C ARG D 76 -18.72 -35.63 1.49
N GLU D 77 -18.19 -35.62 2.71
CA GLU D 77 -18.95 -35.25 3.90
C GLU D 77 -19.49 -33.83 3.83
N ASN D 78 -18.71 -32.91 3.26
CA ASN D 78 -19.13 -31.52 3.17
C ASN D 78 -20.30 -31.37 2.21
N LEU D 79 -20.31 -32.17 1.15
CA LEU D 79 -21.46 -32.23 0.25
C LEU D 79 -22.70 -32.62 1.04
N ARG D 80 -22.56 -33.60 1.93
CA ARG D 80 -23.69 -34.04 2.74
C ARG D 80 -24.14 -32.92 3.69
N ILE D 81 -23.18 -32.31 4.39
CA ILE D 81 -23.48 -31.23 5.34
C ILE D 81 -24.22 -30.11 4.64
N ALA D 82 -23.81 -29.80 3.42
CA ALA D 82 -24.43 -28.73 2.62
C ALA D 82 -25.91 -28.98 2.36
N LEU D 83 -26.28 -30.22 1.98
CA LEU D 83 -27.69 -30.54 1.77
C LEU D 83 -28.53 -30.16 2.98
N ARG D 84 -28.04 -30.52 4.16
CA ARG D 84 -28.73 -30.19 5.41
CA ARG D 84 -28.73 -30.19 5.41
C ARG D 84 -28.84 -28.69 5.60
N TYR D 85 -27.71 -27.97 5.52
CA TYR D 85 -27.71 -26.52 5.74
C TYR D 85 -28.69 -25.83 4.82
N TYR D 86 -28.79 -26.30 3.59
CA TYR D 86 -29.67 -25.65 2.62
C TYR D 86 -31.03 -26.34 2.46
N ASN D 87 -31.28 -27.38 3.25
CA ASN D 87 -32.54 -28.12 3.14
C ASN D 87 -32.79 -28.59 1.70
N GLN D 88 -31.80 -29.26 1.13
CA GLN D 88 -31.94 -29.77 -0.24
C GLN D 88 -32.13 -31.27 -0.19
N SER D 89 -32.81 -31.82 -1.19
CA SER D 89 -33.07 -33.26 -1.20
C SER D 89 -31.84 -34.07 -1.60
N GLU D 90 -31.93 -35.38 -1.35
CA GLU D 90 -30.84 -36.28 -1.65
C GLU D 90 -30.90 -36.74 -3.10
N ALA D 91 -31.90 -36.23 -3.82
CA ALA D 91 -32.08 -36.64 -5.22
C ALA D 91 -31.24 -35.80 -6.18
N GLY D 92 -30.91 -34.57 -5.78
CA GLY D 92 -30.20 -33.67 -6.67
C GLY D 92 -28.68 -33.84 -6.71
N SER D 93 -28.10 -33.47 -7.85
CA SER D 93 -26.65 -33.44 -7.99
C SER D 93 -26.10 -32.06 -7.62
N HIS D 94 -25.07 -32.01 -6.80
CA HIS D 94 -24.45 -30.73 -6.42
C HIS D 94 -22.94 -30.72 -6.57
N THR D 95 -22.38 -29.52 -6.67
CA THR D 95 -20.95 -29.34 -6.91
C THR D 95 -20.29 -28.60 -5.76
N LEU D 96 -19.22 -29.16 -5.25
CA LEU D 96 -18.40 -28.48 -4.27
C LEU D 96 -17.00 -28.30 -4.85
N GLN D 97 -16.61 -27.05 -4.98
CA GLN D 97 -15.30 -26.72 -5.47
C GLN D 97 -14.45 -26.04 -4.41
N MET D 98 -13.16 -26.32 -4.48
CA MET D 98 -12.16 -25.82 -3.57
C MET D 98 -10.87 -25.43 -4.26
N MET D 99 -10.32 -24.28 -3.89
CA MET D 99 -9.03 -23.83 -4.41
C MET D 99 -8.18 -23.39 -3.24
N PHE D 100 -6.90 -23.72 -3.30
CA PHE D 100 -5.95 -23.12 -2.36
C PHE D 100 -4.61 -22.98 -3.05
N GLY D 101 -3.73 -22.19 -2.45
CA GLY D 101 -2.40 -22.02 -3.00
C GLY D 101 -1.69 -20.80 -2.47
N CYS D 102 -0.50 -20.53 -3.01
CA CYS D 102 0.29 -19.39 -2.55
C CYS D 102 0.97 -18.70 -3.72
N ASP D 103 1.33 -17.43 -3.53
CA ASP D 103 2.21 -16.74 -4.46
C ASP D 103 3.54 -16.49 -3.77
N VAL D 104 4.65 -16.58 -4.51
CA VAL D 104 5.96 -16.19 -3.98
C VAL D 104 6.59 -15.15 -4.89
N GLY D 105 7.48 -14.33 -4.34
CA GLY D 105 8.29 -13.44 -5.17
C GLY D 105 9.43 -14.20 -5.83
N SER D 106 10.19 -13.50 -6.68
CA SER D 106 11.33 -14.07 -7.43
C SER D 106 12.40 -14.56 -6.45
N ASP D 107 12.46 -13.97 -5.27
CA ASP D 107 13.34 -14.37 -4.19
C ASP D 107 12.83 -15.62 -3.44
N GLY D 108 11.71 -16.19 -3.90
CA GLY D 108 11.14 -17.37 -3.29
C GLY D 108 10.43 -17.16 -1.95
N ARG D 109 10.18 -15.91 -1.58
CA ARG D 109 9.52 -15.66 -0.31
C ARG D 109 8.03 -15.37 -0.49
N PHE D 110 7.26 -15.71 0.53
CA PHE D 110 5.79 -15.63 0.54
C PHE D 110 5.25 -14.25 0.18
N LEU D 111 4.31 -14.20 -0.77
CA LEU D 111 3.59 -12.96 -1.05
C LEU D 111 2.13 -13.02 -0.61
N ARG D 112 1.46 -14.13 -0.91
CA ARG D 112 0.01 -14.23 -0.64
C ARG D 112 -0.44 -15.68 -0.58
N GLY D 113 -1.55 -15.92 0.11
CA GLY D 113 -2.09 -17.25 0.28
C GLY D 113 -3.59 -17.20 0.02
N TYR D 114 -4.16 -18.34 -0.41
CA TYR D 114 -5.57 -18.46 -0.74
C TYR D 114 -6.13 -19.77 -0.22
N HIS D 115 -7.41 -19.78 0.16
CA HIS D 115 -8.05 -20.98 0.67
C HIS D 115 -9.55 -20.76 0.64
N GLN D 116 -10.24 -21.26 -0.39
CA GLN D 116 -11.64 -20.90 -0.53
C GLN D 116 -12.49 -21.98 -1.21
N TYR D 117 -13.80 -21.87 -0.98
CA TYR D 117 -14.79 -22.85 -1.39
C TYR D 117 -15.96 -22.21 -2.15
N ALA D 118 -16.50 -22.94 -3.12
CA ALA D 118 -17.76 -22.59 -3.73
C ALA D 118 -18.66 -23.83 -3.80
N TYR D 119 -19.97 -23.60 -3.62
CA TYR D 119 -20.98 -24.67 -3.65
C TYR D 119 -22.01 -24.31 -4.72
N ASP D 120 -22.21 -25.23 -5.66
CA ASP D 120 -23.06 -25.03 -6.83
C ASP D 120 -22.67 -23.75 -7.56
N GLY D 121 -21.37 -23.50 -7.62
CA GLY D 121 -20.85 -22.39 -8.41
C GLY D 121 -20.97 -21.01 -7.78
N LYS D 122 -21.32 -20.95 -6.51
CA LYS D 122 -21.39 -19.68 -5.78
C LYS D 122 -20.43 -19.70 -4.58
N ASP D 123 -19.74 -18.59 -4.36
CA ASP D 123 -18.84 -18.48 -3.20
C ASP D 123 -19.52 -18.93 -1.93
N TYR D 124 -18.81 -19.74 -1.15
CA TYR D 124 -19.34 -20.27 0.11
C TYR D 124 -18.54 -19.69 1.25
N ILE D 125 -17.25 -20.00 1.32
CA ILE D 125 -16.41 -19.40 2.32
C ILE D 125 -14.97 -19.27 1.81
N ALA D 126 -14.30 -18.20 2.25
CA ALA D 126 -12.94 -17.91 1.80
C ALA D 126 -12.09 -17.32 2.91
N LEU D 127 -10.84 -17.77 3.02
CA LEU D 127 -9.86 -17.14 3.92
C LEU D 127 -9.52 -15.76 3.38
N LYS D 128 -9.52 -14.74 4.23
CA LYS D 128 -9.17 -13.39 3.80
C LYS D 128 -7.65 -13.24 3.69
N GLU D 129 -7.18 -12.15 3.05
CA GLU D 129 -5.76 -12.03 2.72
C GLU D 129 -4.88 -12.10 3.96
N ASP D 130 -5.39 -11.68 5.11
CA ASP D 130 -4.59 -11.69 6.33
C ASP D 130 -4.43 -13.10 6.88
N LEU D 131 -5.06 -14.06 6.23
CA LEU D 131 -5.03 -15.47 6.62
C LEU D 131 -5.42 -15.67 8.09
N ARG D 132 -6.23 -14.77 8.63
CA ARG D 132 -6.59 -14.86 10.03
C ARG D 132 -8.10 -14.86 10.25
N SER D 133 -8.85 -14.53 9.20
CA SER D 133 -10.30 -14.41 9.29
C SER D 133 -10.98 -14.91 8.01
N TRP D 134 -12.30 -15.07 8.06
CA TRP D 134 -13.05 -15.69 6.97
C TRP D 134 -14.13 -14.79 6.39
N THR D 135 -14.30 -14.81 5.07
CA THR D 135 -15.49 -14.23 4.45
C THR D 135 -16.52 -15.34 4.18
N ALA D 136 -17.65 -15.28 4.86
CA ALA D 136 -18.73 -16.24 4.63
C ALA D 136 -19.86 -15.56 3.86
N ALA D 137 -20.27 -16.18 2.76
CA ALA D 137 -21.12 -15.53 1.77
C ALA D 137 -22.62 -15.51 2.09
N ASP D 138 -23.10 -16.46 2.90
CA ASP D 138 -24.54 -16.60 3.16
C ASP D 138 -24.82 -17.24 4.52
N MET D 139 -26.07 -17.58 4.80
CA MET D 139 -26.46 -18.03 6.14
C MET D 139 -25.78 -19.33 6.55
N ALA D 140 -25.75 -20.28 5.62
CA ALA D 140 -25.14 -21.57 5.85
C ALA D 140 -23.65 -21.44 6.20
N ALA D 141 -22.95 -20.63 5.42
CA ALA D 141 -21.52 -20.47 5.60
C ALA D 141 -21.18 -19.81 6.94
N GLN D 142 -22.12 -19.05 7.52
CA GLN D 142 -21.87 -18.48 8.84
C GLN D 142 -21.72 -19.57 9.87
N ILE D 143 -22.44 -20.68 9.69
CA ILE D 143 -22.33 -21.81 10.60
C ILE D 143 -20.93 -22.44 10.46
N THR D 144 -20.48 -22.55 9.22
CA THR D 144 -19.14 -23.10 8.98
C THR D 144 -18.10 -22.15 9.58
N LYS D 145 -18.27 -20.86 9.33
CA LYS D 145 -17.34 -19.87 9.82
C LYS D 145 -17.20 -19.92 11.34
N ARG D 146 -18.31 -20.07 12.06
CA ARG D 146 -18.23 -20.14 13.54
C ARG D 146 -17.46 -21.39 13.96
N LYS D 147 -17.72 -22.51 13.33
CA LYS D 147 -17.06 -23.73 13.60
C LYS D 147 -15.54 -23.63 13.35
N TRP D 148 -15.15 -23.03 12.24
CA TRP D 148 -13.75 -22.90 11.88
C TRP D 148 -13.01 -21.95 12.81
N GLU D 149 -13.70 -20.94 13.30
CA GLU D 149 -13.17 -19.99 14.25
C GLU D 149 -12.84 -20.68 15.55
N ALA D 150 -13.74 -21.48 16.04
CA ALA D 150 -13.56 -22.20 17.26
C ALA D 150 -12.52 -23.29 17.17
N ALA D 151 -12.33 -23.86 16.00
CA ALA D 151 -11.34 -24.90 15.85
C ALA D 151 -9.99 -24.44 15.30
N HIS D 152 -9.80 -23.14 15.22
CA HIS D 152 -8.57 -22.50 14.74
C HIS D 152 -8.08 -22.93 13.38
N VAL D 153 -9.01 -23.22 12.50
CA VAL D 153 -8.67 -23.64 11.16
C VAL D 153 -7.83 -22.59 10.42
N ALA D 154 -8.09 -21.32 10.65
CA ALA D 154 -7.34 -20.26 9.97
C ALA D 154 -5.86 -20.37 10.34
N GLU D 155 -5.59 -20.64 11.61
CA GLU D 155 -4.20 -20.71 12.09
C GLU D 155 -3.51 -21.90 11.42
N GLN D 156 -4.23 -22.98 11.19
CA GLN D 156 -3.64 -24.15 10.55
C GLN D 156 -3.35 -23.87 9.08
N GLN D 157 -4.30 -23.25 8.40
CA GLN D 157 -4.12 -22.93 6.99
C GLN D 157 -2.98 -21.91 6.77
N ARG D 158 -2.91 -20.90 7.63
CA ARG D 158 -1.87 -19.89 7.55
C ARG D 158 -0.47 -20.53 7.64
N ALA D 159 -0.35 -21.53 8.50
CA ALA D 159 0.94 -22.21 8.70
C ALA D 159 1.32 -23.03 7.47
N TYR D 160 0.34 -23.68 6.86
CA TYR D 160 0.59 -24.41 5.62
C TYR D 160 0.96 -23.46 4.46
N LEU D 161 0.19 -22.39 4.29
CA LEU D 161 0.32 -21.47 3.17
C LEU D 161 1.64 -20.69 3.21
N GLU D 162 2.12 -20.37 4.40
CA GLU D 162 3.36 -19.60 4.57
C GLU D 162 4.58 -20.52 4.66
N GLY D 163 4.35 -21.82 4.85
CA GLY D 163 5.44 -22.76 5.01
C GLY D 163 5.54 -23.77 3.89
N THR D 164 4.88 -24.90 4.10
CA THR D 164 4.93 -26.02 3.17
C THR D 164 4.59 -25.60 1.75
N CYS D 165 3.51 -24.83 1.59
CA CYS D 165 3.10 -24.36 0.27
C CYS D 165 4.27 -23.60 -0.38
N VAL D 166 4.88 -22.69 0.37
CA VAL D 166 5.98 -21.88 -0.16
C VAL D 166 7.19 -22.77 -0.49
N ASP D 167 7.54 -23.65 0.44
CA ASP D 167 8.70 -24.53 0.25
C ASP D 167 8.55 -25.38 -0.99
N GLY D 168 7.33 -25.86 -1.22
CA GLY D 168 7.05 -26.73 -2.34
C GLY D 168 7.14 -26.01 -3.66
N LEU D 169 6.53 -24.82 -3.71
CA LEU D 169 6.59 -23.98 -4.91
C LEU D 169 8.03 -23.60 -5.28
N ARG D 170 8.84 -23.28 -4.29
CA ARG D 170 10.23 -22.92 -4.54
C ARG D 170 10.95 -24.05 -5.26
N ARG D 171 10.80 -25.26 -4.70
CA ARG D 171 11.41 -26.47 -5.26
C ARG D 171 10.99 -26.72 -6.69
N TYR D 172 9.69 -26.63 -6.95
CA TYR D 172 9.15 -26.93 -8.26
C TYR D 172 9.70 -25.97 -9.28
N LEU D 173 9.78 -24.70 -8.90
CA LEU D 173 10.28 -23.67 -9.80
C LEU D 173 11.76 -23.93 -10.15
N GLU D 174 12.53 -24.37 -9.16
CA GLU D 174 13.93 -24.74 -9.40
C GLU D 174 14.01 -26.00 -10.27
N ASN D 175 13.39 -27.09 -9.82
CA ASN D 175 13.42 -28.33 -10.59
C ASN D 175 12.87 -28.18 -12.01
N GLY D 176 11.85 -27.34 -12.18
CA GLY D 176 11.22 -27.22 -13.48
C GLY D 176 11.64 -26.01 -14.29
N LYS D 177 12.74 -25.38 -13.90
CA LYS D 177 13.08 -24.06 -14.46
C LYS D 177 13.20 -24.05 -15.97
N GLU D 178 13.75 -25.12 -16.54
CA GLU D 178 14.02 -25.14 -17.98
C GLU D 178 12.75 -25.07 -18.81
N THR D 179 11.62 -25.45 -18.23
CA THR D 179 10.35 -25.33 -18.94
C THR D 179 9.44 -24.27 -18.31
N LEU D 180 9.31 -24.27 -16.99
CA LEU D 180 8.46 -23.28 -16.29
C LEU D 180 8.88 -21.84 -16.50
N GLN D 181 10.18 -21.60 -16.57
CA GLN D 181 10.66 -20.22 -16.57
C GLN D 181 11.25 -19.83 -17.92
N ARG D 182 10.86 -20.56 -18.96
CA ARG D 182 11.33 -20.28 -20.31
C ARG D 182 10.59 -19.09 -20.90
N THR D 183 11.30 -18.30 -21.71
CA THR D 183 10.67 -17.19 -22.42
C THR D 183 10.35 -17.63 -23.85
N ASP D 184 9.06 -17.83 -24.12
CA ASP D 184 8.60 -18.21 -25.44
C ASP D 184 7.91 -17.05 -26.15
N PRO D 185 8.64 -16.34 -27.01
CA PRO D 185 8.15 -15.14 -27.71
C PRO D 185 7.05 -15.47 -28.73
N PRO D 186 5.98 -14.66 -28.75
CA PRO D 186 4.85 -14.83 -29.67
C PRO D 186 5.26 -14.77 -31.14
N LYS D 187 4.68 -15.66 -31.94
CA LYS D 187 4.87 -15.66 -33.38
C LYS D 187 3.80 -14.77 -34.01
N THR D 188 4.22 -13.72 -34.70
CA THR D 188 3.30 -12.70 -35.19
C THR D 188 3.15 -12.67 -36.70
N HIS D 189 1.95 -12.28 -37.12
CA HIS D 189 1.56 -12.10 -38.52
C HIS D 189 0.17 -11.49 -38.62
N HIS D 192 -5.73 -9.91 -43.75
CA HIS D 192 -6.78 -8.97 -44.12
C HIS D 192 -7.86 -9.80 -44.69
N HIS D 193 -9.09 -9.46 -44.36
CA HIS D 193 -10.26 -10.16 -44.87
C HIS D 193 -11.36 -9.13 -45.17
N PRO D 194 -11.81 -9.08 -46.43
CA PRO D 194 -12.83 -8.10 -46.82
C PRO D 194 -14.25 -8.63 -46.78
N ARG D 203 -6.36 -7.55 -38.90
CA ARG D 203 -6.52 -8.53 -37.83
C ARG D 203 -5.17 -9.01 -37.31
N CYS D 204 -4.94 -8.86 -36.01
CA CYS D 204 -3.69 -9.27 -35.40
C CYS D 204 -3.63 -10.80 -35.26
N TRP D 205 -2.42 -11.31 -35.06
CA TRP D 205 -2.22 -12.75 -34.91
C TRP D 205 -0.99 -13.07 -34.07
N ALA D 206 -1.22 -13.63 -32.89
CA ALA D 206 -0.13 -13.99 -31.97
C ALA D 206 -0.20 -15.48 -31.61
N LEU D 207 0.82 -16.23 -32.03
CA LEU D 207 0.81 -17.68 -31.89
C LEU D 207 2.05 -18.22 -31.17
N GLY D 208 1.86 -19.29 -30.41
CA GLY D 208 2.95 -20.02 -29.79
C GLY D 208 3.76 -19.30 -28.72
N PHE D 209 3.11 -18.87 -27.64
CA PHE D 209 3.80 -18.14 -26.58
C PHE D 209 3.51 -18.65 -25.17
N TYR D 210 4.53 -18.60 -24.31
CA TYR D 210 4.39 -18.87 -22.88
C TYR D 210 5.22 -17.84 -22.13
N PRO D 211 4.70 -17.30 -21.02
CA PRO D 211 3.39 -17.58 -20.40
C PRO D 211 2.22 -17.01 -21.21
N ALA D 212 1.01 -17.22 -20.70
CA ALA D 212 -0.21 -16.80 -21.37
C ALA D 212 -0.43 -15.28 -21.33
N GLU D 213 0.34 -14.60 -20.49
CA GLU D 213 0.21 -13.15 -20.33
C GLU D 213 0.60 -12.43 -21.61
N ILE D 214 -0.41 -12.01 -22.38
CA ILE D 214 -0.18 -11.25 -23.59
C ILE D 214 -1.22 -10.13 -23.73
N THR D 215 -0.81 -9.02 -24.34
CA THR D 215 -1.70 -7.89 -24.57
C THR D 215 -1.39 -7.24 -25.91
N LEU D 216 -2.44 -6.93 -26.67
CA LEU D 216 -2.27 -6.31 -27.99
C LEU D 216 -3.46 -5.40 -28.33
N THR D 217 -3.17 -4.26 -28.94
CA THR D 217 -4.21 -3.30 -29.32
C THR D 217 -3.93 -2.61 -30.65
N TRP D 218 -4.81 -1.68 -31.01
CA TRP D 218 -4.65 -0.86 -32.21
C TRP D 218 -4.77 0.61 -31.84
N GLN D 219 -3.81 1.43 -32.27
CA GLN D 219 -3.84 2.86 -31.95
C GLN D 219 -4.04 3.71 -33.20
N ARG D 220 -3.90 5.01 -33.05
CA ARG D 220 -4.08 5.95 -34.16
C ARG D 220 -3.07 7.09 -34.10
N GLU D 230 -12.36 -6.14 -32.78
CA GLU D 230 -12.76 -7.42 -32.25
C GLU D 230 -11.65 -8.19 -31.56
N LEU D 231 -11.94 -8.78 -30.41
CA LEU D 231 -10.90 -9.49 -29.66
C LEU D 231 -11.42 -10.87 -29.23
N VAL D 232 -10.52 -11.82 -29.06
CA VAL D 232 -10.92 -13.16 -28.59
C VAL D 232 -10.11 -13.62 -27.39
N GLU D 233 -10.72 -14.50 -26.58
CA GLU D 233 -10.10 -15.01 -25.37
C GLU D 233 -8.87 -15.85 -25.68
N THR D 234 -7.78 -15.59 -24.95
CA THR D 234 -6.56 -16.37 -25.07
C THR D 234 -6.85 -17.87 -24.95
N ARG D 235 -6.31 -18.65 -25.88
CA ARG D 235 -6.58 -20.08 -25.95
C ARG D 235 -5.27 -20.88 -26.01
N PRO D 236 -5.28 -22.10 -25.46
CA PRO D 236 -4.10 -22.97 -25.49
C PRO D 236 -3.92 -23.67 -26.84
N ALA D 237 -2.67 -23.86 -27.25
CA ALA D 237 -2.36 -24.52 -28.52
C ALA D 237 -2.27 -26.04 -28.35
N GLY D 238 -2.00 -26.48 -27.12
CA GLY D 238 -1.93 -27.90 -26.82
C GLY D 238 -0.52 -28.42 -26.70
N ASP D 239 0.44 -27.56 -26.98
CA ASP D 239 1.85 -27.92 -26.88
C ASP D 239 2.54 -27.10 -25.79
N GLY D 240 1.75 -26.54 -24.88
CA GLY D 240 2.28 -25.72 -23.82
C GLY D 240 2.35 -24.25 -24.22
N THR D 241 1.90 -23.95 -25.43
CA THR D 241 1.91 -22.58 -25.94
C THR D 241 0.50 -22.05 -26.11
N PHE D 242 0.36 -20.75 -26.29
CA PHE D 242 -0.96 -20.13 -26.36
C PHE D 242 -1.18 -19.34 -27.66
N GLN D 243 -2.43 -18.96 -27.87
CA GLN D 243 -2.83 -18.22 -29.08
C GLN D 243 -3.80 -17.10 -28.71
N LYS D 244 -3.83 -16.05 -29.54
CA LYS D 244 -4.78 -14.95 -29.38
C LYS D 244 -4.73 -14.05 -30.60
N TRP D 245 -5.85 -13.41 -30.92
CA TRP D 245 -5.87 -12.45 -32.03
C TRP D 245 -6.97 -11.39 -31.90
N ALA D 246 -6.73 -10.24 -32.53
CA ALA D 246 -7.70 -9.14 -32.48
C ALA D 246 -7.94 -8.53 -33.87
N ALA D 247 -9.20 -8.16 -34.13
CA ALA D 247 -9.59 -7.57 -35.40
C ALA D 247 -10.08 -6.13 -35.26
N VAL D 248 -10.21 -5.43 -36.39
CA VAL D 248 -10.73 -4.08 -36.41
C VAL D 248 -11.55 -3.82 -37.67
N TYR D 258 -3.46 2.04 -39.31
CA TYR D 258 -3.82 0.89 -38.50
C TYR D 258 -2.60 0.02 -38.19
N THR D 259 -2.29 -0.11 -36.90
CA THR D 259 -1.14 -0.90 -36.46
C THR D 259 -1.47 -1.80 -35.27
N CYS D 260 -0.73 -2.90 -35.16
CA CYS D 260 -0.90 -3.84 -34.06
C CYS D 260 0.30 -3.69 -33.13
N HIS D 261 0.05 -3.67 -31.82
CA HIS D 261 1.13 -3.50 -30.85
C HIS D 261 1.02 -4.50 -29.70
N VAL D 262 1.93 -5.48 -29.72
CA VAL D 262 1.87 -6.59 -28.76
C VAL D 262 2.77 -6.35 -27.55
N GLN D 263 2.35 -6.88 -26.41
CA GLN D 263 3.17 -6.84 -25.19
C GLN D 263 3.36 -8.24 -24.63
N HIS D 264 4.62 -8.68 -24.56
CA HIS D 264 4.94 -9.96 -23.98
C HIS D 264 6.33 -9.95 -23.36
N GLU D 265 6.48 -10.69 -22.27
CA GLU D 265 7.76 -10.76 -21.56
C GLU D 265 8.79 -11.58 -22.32
N GLY D 266 8.36 -12.26 -23.38
CA GLY D 266 9.25 -13.02 -24.23
C GLY D 266 10.03 -12.12 -25.18
N LEU D 267 9.44 -10.96 -25.50
CA LEU D 267 10.10 -9.97 -26.34
C LEU D 267 10.82 -8.93 -25.46
N PRO D 268 11.91 -8.36 -25.98
CA PRO D 268 12.58 -7.27 -25.27
C PRO D 268 11.64 -6.10 -25.02
N LYS D 269 11.02 -5.59 -26.09
CA LYS D 269 10.05 -4.49 -26.03
C LYS D 269 8.92 -4.74 -26.99
N PRO D 270 7.79 -3.97 -26.90
CA PRO D 270 6.62 -4.01 -27.79
C PRO D 270 6.94 -4.10 -29.26
N LEU D 271 6.17 -4.94 -29.95
CA LEU D 271 6.33 -5.11 -31.38
C LEU D 271 5.04 -4.79 -32.11
N ILE E 2 -25.85 -21.36 -9.42
CA ILE E 2 -25.49 -20.52 -10.55
C ILE E 2 -25.18 -21.36 -11.78
N GLN E 3 -25.76 -20.98 -12.91
CA GLN E 3 -25.54 -21.70 -14.16
C GLN E 3 -25.00 -20.77 -15.24
N ARG E 4 -23.87 -21.15 -15.83
CA ARG E 4 -23.25 -20.35 -16.88
C ARG E 4 -23.18 -21.10 -18.20
N THR E 5 -23.35 -20.38 -19.30
CA THR E 5 -23.31 -20.96 -20.62
C THR E 5 -21.89 -21.03 -21.14
N PRO E 6 -21.51 -22.18 -21.71
CA PRO E 6 -20.18 -22.35 -22.31
C PRO E 6 -19.91 -21.41 -23.49
N LYS E 7 -18.65 -20.96 -23.56
CA LYS E 7 -18.14 -20.20 -24.71
C LYS E 7 -17.33 -21.14 -25.58
N ILE E 8 -17.51 -21.04 -26.90
CA ILE E 8 -16.97 -22.04 -27.82
C ILE E 8 -15.98 -21.48 -28.86
N GLN E 9 -14.75 -22.00 -28.86
CA GLN E 9 -13.75 -21.68 -29.88
C GLN E 9 -13.09 -22.93 -30.45
N VAL E 10 -13.09 -23.05 -31.78
CA VAL E 10 -12.52 -24.22 -32.44
C VAL E 10 -11.41 -23.80 -33.41
N TYR E 11 -10.27 -24.49 -33.33
CA TYR E 11 -9.06 -23.99 -33.96
C TYR E 11 -7.96 -25.05 -34.09
N SER E 12 -7.01 -24.82 -35.00
CA SER E 12 -5.86 -25.71 -35.16
C SER E 12 -4.66 -25.21 -34.39
N ARG E 13 -3.79 -26.12 -33.96
CA ARG E 13 -2.59 -25.76 -33.20
C ARG E 13 -1.65 -24.90 -34.03
N HIS E 14 -1.35 -25.40 -35.23
CA HIS E 14 -0.49 -24.70 -36.19
C HIS E 14 -1.35 -24.15 -37.32
N PRO E 15 -0.85 -23.12 -38.03
CA PRO E 15 -1.58 -22.58 -39.19
C PRO E 15 -1.91 -23.67 -40.21
N ALA E 16 -3.14 -23.66 -40.73
CA ALA E 16 -3.60 -24.68 -41.65
C ALA E 16 -2.76 -24.75 -42.92
N GLU E 17 -2.24 -25.93 -43.21
CA GLU E 17 -1.53 -26.19 -44.46
C GLU E 17 -1.90 -27.58 -44.97
N ASN E 18 -2.73 -27.61 -46.01
CA ASN E 18 -3.30 -28.86 -46.52
C ASN E 18 -2.24 -29.89 -46.88
N GLY E 19 -2.43 -31.12 -46.39
CA GLY E 19 -1.51 -32.19 -46.68
C GLY E 19 -0.59 -32.60 -45.54
N LYS E 20 -0.39 -31.70 -44.58
CA LYS E 20 0.45 -31.98 -43.43
C LYS E 20 -0.39 -32.12 -42.17
N SER E 21 0.05 -33.00 -41.26
CA SER E 21 -0.72 -33.29 -40.05
C SER E 21 -0.70 -32.11 -39.08
N ASN E 22 -1.80 -31.96 -38.34
CA ASN E 22 -1.96 -30.90 -37.37
C ASN E 22 -2.82 -31.39 -36.21
N PHE E 23 -3.09 -30.52 -35.24
CA PHE E 23 -4.01 -30.87 -34.17
C PHE E 23 -5.23 -29.98 -34.21
N LEU E 24 -6.40 -30.59 -34.26
CA LEU E 24 -7.65 -29.84 -34.22
C LEU E 24 -8.11 -29.65 -32.77
N ASN E 25 -8.27 -28.41 -32.36
CA ASN E 25 -8.62 -28.10 -30.98
C ASN E 25 -10.04 -27.55 -30.84
N CYS E 26 -10.64 -27.81 -29.67
CA CYS E 26 -11.88 -27.15 -29.28
C CYS E 26 -11.78 -26.80 -27.79
N TYR E 27 -12.12 -25.57 -27.45
CA TYR E 27 -11.85 -25.03 -26.11
C TYR E 27 -13.09 -24.48 -25.42
N VAL E 28 -13.81 -25.35 -24.70
CA VAL E 28 -15.02 -24.93 -24.00
C VAL E 28 -14.67 -24.33 -22.64
N SER E 29 -15.29 -23.19 -22.32
CA SER E 29 -14.94 -22.49 -21.10
C SER E 29 -16.08 -21.66 -20.54
N GLY E 30 -15.89 -21.20 -19.31
CA GLY E 30 -16.86 -20.37 -18.63
C GLY E 30 -18.21 -20.99 -18.38
N PHE E 31 -18.27 -22.30 -18.15
CA PHE E 31 -19.56 -22.94 -17.93
C PHE E 31 -19.71 -23.57 -16.55
N HIS E 32 -20.95 -23.86 -16.18
CA HIS E 32 -21.29 -24.39 -14.86
C HIS E 32 -22.73 -24.88 -14.87
N PRO E 33 -22.98 -26.11 -14.40
CA PRO E 33 -22.07 -27.09 -13.79
C PRO E 33 -21.17 -27.80 -14.81
N SER E 34 -20.40 -28.77 -14.33
CA SER E 34 -19.28 -29.29 -15.11
C SER E 34 -19.69 -30.30 -16.17
N ASP E 35 -20.84 -30.94 -15.97
CA ASP E 35 -21.36 -31.89 -16.95
C ASP E 35 -21.60 -31.21 -18.29
N ILE E 36 -21.00 -31.77 -19.34
CA ILE E 36 -21.09 -31.20 -20.68
C ILE E 36 -20.77 -32.25 -21.75
N GLU E 37 -21.32 -32.04 -22.95
CA GLU E 37 -21.05 -32.93 -24.09
C GLU E 37 -20.30 -32.19 -25.20
N VAL E 38 -19.13 -32.68 -25.57
CA VAL E 38 -18.33 -32.02 -26.60
C VAL E 38 -17.96 -32.98 -27.73
N ASP E 39 -18.36 -32.63 -28.95
CA ASP E 39 -18.09 -33.45 -30.13
C ASP E 39 -17.27 -32.71 -31.17
N LEU E 40 -16.17 -33.32 -31.59
CA LEU E 40 -15.33 -32.83 -32.72
C LEU E 40 -15.86 -33.58 -33.95
N LEU E 41 -16.25 -32.87 -34.99
CA LEU E 41 -16.82 -33.50 -36.17
C LEU E 41 -16.06 -33.51 -37.52
N ASN E 43 -16.97 -34.04 -41.26
CA ASN E 43 -18.02 -33.96 -42.27
C ASN E 43 -19.31 -34.20 -41.56
N GLY E 44 -19.41 -33.62 -40.38
CA GLY E 44 -20.57 -33.77 -39.56
C GLY E 44 -20.58 -35.00 -38.67
N GLU E 45 -19.78 -36.01 -38.94
CA GLU E 45 -19.84 -37.17 -38.09
C GLU E 45 -18.86 -37.02 -36.96
N ARG E 46 -19.20 -37.66 -35.88
CA ARG E 46 -18.42 -37.61 -34.64
C ARG E 46 -17.08 -38.33 -34.82
N ILE E 47 -15.99 -37.57 -34.73
CA ILE E 47 -14.65 -38.13 -34.72
C ILE E 47 -14.36 -38.83 -33.39
N GLU E 48 -13.78 -40.02 -33.45
CA GLU E 48 -13.43 -40.70 -32.20
C GLU E 48 -11.95 -40.55 -31.86
N LYS E 49 -11.56 -41.19 -30.76
CA LYS E 49 -10.21 -41.08 -30.19
C LYS E 49 -9.85 -39.64 -29.85
N VAL E 50 -10.86 -38.86 -29.45
CA VAL E 50 -10.66 -37.47 -29.04
C VAL E 50 -10.24 -37.36 -27.58
N GLU E 51 -9.10 -36.74 -27.35
CA GLU E 51 -8.58 -36.51 -26.00
C GLU E 51 -9.09 -35.18 -25.43
N HIS E 52 -9.13 -35.08 -24.10
CA HIS E 52 -9.33 -33.77 -23.48
C HIS E 52 -8.44 -33.61 -22.25
N SER E 53 -8.27 -32.36 -21.83
CA SER E 53 -7.45 -32.02 -20.67
C SER E 53 -8.16 -32.35 -19.37
N ASP E 54 -7.44 -32.34 -18.25
CA ASP E 54 -8.08 -32.58 -16.97
C ASP E 54 -8.98 -31.41 -16.59
N LEU E 55 -10.12 -31.72 -15.98
CA LEU E 55 -11.08 -30.69 -15.64
C LEU E 55 -10.47 -29.66 -14.69
N SER E 56 -10.52 -28.40 -15.10
CA SER E 56 -10.10 -27.35 -14.18
C SER E 56 -11.07 -26.19 -14.28
N PHE E 57 -10.86 -25.19 -13.45
CA PHE E 57 -11.77 -24.07 -13.44
C PHE E 57 -11.05 -22.75 -13.18
N SER E 58 -11.70 -21.67 -13.57
CA SER E 58 -11.14 -20.32 -13.43
C SER E 58 -11.47 -19.70 -12.09
N LYS E 59 -11.06 -18.44 -11.97
CA LYS E 59 -11.18 -17.65 -10.75
C LYS E 59 -12.63 -17.45 -10.35
N ASP E 60 -13.54 -17.35 -11.32
CA ASP E 60 -14.96 -17.21 -11.02
C ASP E 60 -15.63 -18.57 -10.83
N TRP E 61 -14.82 -19.62 -10.67
CA TRP E 61 -15.26 -21.00 -10.46
C TRP E 61 -15.83 -21.69 -11.72
N SER E 62 -15.91 -20.97 -12.84
CA SER E 62 -16.45 -21.58 -14.05
C SER E 62 -15.43 -22.56 -14.66
N PHE E 63 -15.93 -23.58 -15.34
CA PHE E 63 -15.07 -24.67 -15.82
C PHE E 63 -14.52 -24.40 -17.22
N TYR E 64 -13.43 -25.07 -17.56
CA TYR E 64 -12.94 -25.05 -18.94
C TYR E 64 -12.22 -26.35 -19.29
N LEU E 65 -12.36 -26.76 -20.55
CA LEU E 65 -11.73 -27.97 -21.06
C LEU E 65 -11.23 -27.77 -22.48
N LEU E 66 -10.03 -28.25 -22.77
CA LEU E 66 -9.56 -28.34 -24.15
C LEU E 66 -9.79 -29.75 -24.67
N TYR E 67 -10.60 -29.87 -25.73
CA TYR E 67 -10.73 -31.11 -26.47
C TYR E 67 -9.85 -31.05 -27.72
N TYR E 68 -9.21 -32.17 -28.06
CA TYR E 68 -8.29 -32.15 -29.19
C TYR E 68 -8.09 -33.51 -29.87
N THR E 69 -7.72 -33.46 -31.14
CA THR E 69 -7.37 -34.65 -31.90
C THR E 69 -6.43 -34.29 -33.06
N GLU E 70 -5.63 -35.25 -33.49
CA GLU E 70 -4.76 -35.08 -34.63
C GLU E 70 -5.59 -35.17 -35.91
N PHE E 71 -5.27 -34.32 -36.89
CA PHE E 71 -6.00 -34.33 -38.16
C PHE E 71 -5.15 -33.76 -39.30
N THR E 72 -5.58 -34.02 -40.53
CA THR E 72 -4.89 -33.51 -41.71
C THR E 72 -5.86 -32.76 -42.62
N PRO E 73 -5.72 -31.43 -42.68
CA PRO E 73 -6.63 -30.55 -43.43
C PRO E 73 -6.64 -30.79 -44.93
N THR E 74 -7.84 -30.74 -45.50
CA THR E 74 -8.06 -30.74 -46.94
C THR E 74 -9.06 -29.63 -47.22
N GLU E 75 -9.09 -29.13 -48.46
CA GLU E 75 -9.99 -28.01 -48.76
C GLU E 75 -11.46 -28.44 -48.79
N LYS E 76 -11.71 -29.73 -49.05
CA LYS E 76 -13.07 -30.23 -49.16
C LYS E 76 -13.56 -30.80 -47.83
N ASP E 77 -12.63 -31.12 -46.94
CA ASP E 77 -12.97 -31.68 -45.64
C ASP E 77 -13.34 -30.60 -44.63
N GLU E 78 -14.59 -30.64 -44.15
CA GLU E 78 -15.08 -29.69 -43.16
C GLU E 78 -14.97 -30.27 -41.75
N TYR E 79 -14.74 -29.38 -40.78
CA TYR E 79 -14.62 -29.78 -39.38
C TYR E 79 -15.46 -28.86 -38.49
N ALA E 80 -15.83 -29.34 -37.31
CA ALA E 80 -16.67 -28.57 -36.40
C ALA E 80 -16.61 -29.04 -34.95
N CYS E 81 -17.26 -28.28 -34.07
CA CYS E 81 -17.39 -28.64 -32.67
C CYS E 81 -18.86 -28.65 -32.27
N ARG E 82 -19.26 -29.60 -31.44
CA ARG E 82 -20.66 -29.77 -31.08
C ARG E 82 -20.83 -29.85 -29.57
N VAL E 83 -21.52 -28.87 -28.99
CA VAL E 83 -21.61 -28.73 -27.54
C VAL E 83 -23.04 -28.87 -26.98
N ASN E 84 -23.21 -29.73 -25.99
CA ASN E 84 -24.47 -29.82 -25.28
C ASN E 84 -24.29 -29.52 -23.79
N HIS E 85 -25.25 -28.82 -23.20
CA HIS E 85 -25.17 -28.39 -21.81
C HIS E 85 -26.57 -28.15 -21.25
N VAL E 86 -26.69 -28.15 -19.93
CA VAL E 86 -28.00 -27.98 -19.30
C VAL E 86 -28.54 -26.56 -19.52
N THR E 87 -27.65 -25.62 -19.80
CA THR E 87 -28.06 -24.24 -20.03
C THR E 87 -28.48 -24.03 -21.49
N LEU E 88 -28.39 -25.10 -22.27
CA LEU E 88 -28.77 -25.07 -23.67
C LEU E 88 -30.04 -25.87 -23.94
N SER E 89 -31.06 -25.21 -24.48
CA SER E 89 -32.30 -25.87 -24.86
C SER E 89 -32.07 -26.73 -26.12
N GLN E 90 -31.04 -26.38 -26.86
CA GLN E 90 -30.60 -27.16 -28.02
C GLN E 90 -29.10 -27.02 -28.17
N PRO E 91 -28.43 -28.07 -28.67
CA PRO E 91 -26.98 -28.04 -28.91
C PRO E 91 -26.53 -26.84 -29.76
N LYS E 92 -25.22 -26.57 -29.74
CA LYS E 92 -24.63 -25.56 -30.61
C LYS E 92 -23.55 -26.20 -31.48
N ILE E 93 -23.28 -25.57 -32.63
CA ILE E 93 -22.21 -26.02 -33.50
C ILE E 93 -21.38 -24.81 -33.95
N VAL E 94 -20.06 -24.99 -34.02
CA VAL E 94 -19.15 -23.94 -34.49
C VAL E 94 -18.24 -24.46 -35.59
N LYS E 95 -18.49 -24.01 -36.82
CA LYS E 95 -17.69 -24.42 -37.97
C LYS E 95 -16.27 -23.88 -37.87
N TRP E 96 -15.28 -24.74 -38.09
CA TRP E 96 -13.89 -24.33 -37.97
C TRP E 96 -13.38 -23.57 -39.19
N ASP E 97 -13.19 -22.27 -39.03
CA ASP E 97 -12.52 -21.47 -40.05
C ASP E 97 -11.03 -21.39 -39.72
N ARG E 98 -10.20 -21.77 -40.69
CA ARG E 98 -8.77 -21.75 -40.47
C ARG E 98 -8.23 -20.35 -40.43
N ASP E 99 -9.09 -19.37 -40.39
CA ASP E 99 -8.60 -18.01 -40.32
C ASP E 99 -9.18 -17.32 -39.09
N ARG F 1 2.93 -29.27 -3.12
CA ARG F 1 2.61 -30.10 -1.96
C ARG F 1 1.32 -29.60 -1.30
N ALA F 2 0.32 -30.47 -1.23
CA ALA F 2 -1.03 -30.04 -0.84
C ALA F 2 -1.18 -29.84 0.68
N GLY F 3 -2.19 -29.07 1.08
CA GLY F 3 -2.43 -28.85 2.49
C GLY F 3 -3.47 -29.78 3.08
N PHE F 4 -4.39 -29.25 3.87
CA PHE F 4 -5.51 -30.05 4.40
CA PHE F 4 -5.50 -30.04 4.42
C PHE F 4 -6.80 -29.23 4.45
N VAL F 5 -7.94 -29.91 4.57
CA VAL F 5 -9.24 -29.24 4.64
C VAL F 5 -10.03 -29.76 5.83
N ALA F 6 -11.04 -29.01 6.26
CA ALA F 6 -11.86 -29.37 7.41
C ALA F 6 -13.36 -29.46 7.05
N ASN F 7 -14.18 -29.92 8.00
CA ASN F 7 -15.62 -30.11 7.73
C ASN F 7 -16.45 -28.85 7.85
N PHE F 8 -17.40 -28.68 6.93
CA PHE F 8 -18.39 -27.59 6.98
C PHE F 8 -19.18 -27.58 8.30
#